data_1WWE
#
_entry.id   1WWE
#
loop_
_entity.id
_entity.type
_entity.pdbx_description
1 polymer "5'-R(P*UP*UP*UP*UP*GP*CP*U)-3'"
2 polymer 'Nucleoprotein p10'
3 non-polymer 'ZINC ION'
#
loop_
_entity_poly.entity_id
_entity_poly.type
_entity_poly.pdbx_seq_one_letter_code
_entity_poly.pdbx_strand_id
1 'polyribonucleotide' UUUUGCU B
2 'polypeptide(L)' ATVVSGQKQDRQGGERRRSQLDRDQCAYCKEKGHWAKDCPKKPRGPRGPRPQTSLL A
#
# COMPACT_ATOMS: atom_id res chain seq x y z
N ALA B 1 -2.69 23.86 1.63
CA ALA B 1 -1.41 23.17 1.75
C ALA B 1 -0.61 23.36 0.46
N THR B 2 0.66 23.04 0.54
CA THR B 2 1.55 23.17 -0.61
C THR B 2 1.83 21.79 -1.22
N VAL B 3 1.78 21.76 -2.54
CA VAL B 3 2.02 20.52 -3.27
C VAL B 3 2.61 20.83 -4.64
N VAL B 4 3.84 20.38 -4.84
CA VAL B 4 4.53 20.62 -6.09
C VAL B 4 5.30 19.36 -6.49
N SER B 5 5.26 19.06 -7.78
CA SER B 5 5.95 17.89 -8.30
C SER B 5 7.38 18.25 -8.70
N GLY B 6 8.32 17.59 -8.05
CA GLY B 6 9.73 17.84 -8.33
C GLY B 6 10.14 17.22 -9.67
N GLN B 7 11.22 16.45 -9.63
CA GLN B 7 11.73 15.80 -10.82
C GLN B 7 11.48 14.29 -10.74
N LYS B 8 11.54 13.65 -11.91
CA LYS B 8 11.33 12.22 -11.99
C LYS B 8 12.38 11.61 -12.92
N GLN B 9 12.64 10.32 -12.70
CA GLN B 9 13.61 9.61 -13.51
C GLN B 9 12.99 8.35 -14.10
N ASP B 10 12.52 7.48 -13.22
CA ASP B 10 11.90 6.24 -13.64
C ASP B 10 10.44 6.22 -13.17
N ARG B 11 9.56 6.64 -14.06
CA ARG B 11 8.14 6.66 -13.74
C ARG B 11 7.72 5.39 -13.01
N GLN B 12 6.60 5.48 -12.32
CA GLN B 12 6.09 4.35 -11.57
C GLN B 12 4.87 3.75 -12.27
N GLY B 13 4.49 2.57 -11.82
CA GLY B 13 3.35 1.87 -12.40
C GLY B 13 3.48 0.36 -12.21
N GLY B 14 3.56 -0.05 -10.96
CA GLY B 14 3.69 -1.47 -10.63
C GLY B 14 2.41 -2.22 -10.99
N GLU B 15 2.59 -3.27 -11.79
CA GLU B 15 1.46 -4.08 -12.22
C GLU B 15 1.96 -5.38 -12.86
N ARG B 16 1.93 -6.44 -12.07
CA ARG B 16 2.37 -7.75 -12.55
C ARG B 16 2.10 -8.82 -11.50
N ARG B 17 0.87 -9.33 -11.53
CA ARG B 17 0.47 -10.36 -10.59
C ARG B 17 0.50 -9.82 -9.16
N ARG B 18 -0.60 -10.06 -8.46
CA ARG B 18 -0.72 -9.60 -7.08
C ARG B 18 -1.37 -10.67 -6.22
N SER B 19 -0.98 -11.92 -6.46
CA SER B 19 -1.51 -13.04 -5.72
C SER B 19 -3.02 -13.17 -5.99
N GLN B 20 -3.78 -12.31 -5.35
CA GLN B 20 -5.22 -12.32 -5.51
C GLN B 20 -5.84 -11.07 -4.90
N LEU B 21 -5.07 -9.98 -4.94
CA LEU B 21 -5.53 -8.71 -4.40
C LEU B 21 -7.01 -8.51 -4.75
N ASP B 22 -7.86 -8.70 -3.75
CA ASP B 22 -9.29 -8.54 -3.95
C ASP B 22 -9.64 -7.05 -3.91
N ARG B 23 -10.74 -6.72 -4.58
CA ARG B 23 -11.19 -5.34 -4.63
C ARG B 23 -11.60 -4.86 -3.23
N ASP B 24 -11.65 -5.81 -2.30
CA ASP B 24 -12.01 -5.50 -0.94
C ASP B 24 -10.93 -6.02 0.02
N GLN B 25 -9.71 -6.05 -0.50
CA GLN B 25 -8.58 -6.52 0.29
C GLN B 25 -7.61 -5.37 0.58
N CYS B 26 -6.55 -5.70 1.29
CA CYS B 26 -5.55 -4.71 1.65
C CYS B 26 -4.21 -5.14 1.03
N ALA B 27 -3.56 -4.18 0.38
CA ALA B 27 -2.27 -4.46 -0.25
C ALA B 27 -1.16 -3.90 0.64
N TYR B 28 -1.36 -4.04 1.94
CA TYR B 28 -0.37 -3.56 2.91
C TYR B 28 -0.08 -4.63 3.96
N CYS B 29 -1.14 -5.13 4.57
CA CYS B 29 -1.01 -6.15 5.59
C CYS B 29 -1.56 -7.46 5.04
N LYS B 30 -2.40 -7.33 4.02
CA LYS B 30 -2.99 -8.50 3.39
C LYS B 30 -4.32 -8.82 4.07
N GLU B 31 -4.91 -7.80 4.68
CA GLU B 31 -6.19 -7.95 5.37
C GLU B 31 -7.34 -7.89 4.37
N LYS B 32 -8.45 -8.48 4.76
CA LYS B 32 -9.64 -8.49 3.92
C LYS B 32 -10.76 -7.70 4.60
N GLY B 33 -11.11 -6.59 3.98
CA GLY B 33 -12.17 -5.74 4.51
C GLY B 33 -11.81 -4.26 4.32
N HIS B 34 -10.63 -3.90 4.79
CA HIS B 34 -10.17 -2.52 4.68
C HIS B 34 -9.20 -2.40 3.50
N TRP B 35 -8.94 -1.15 3.12
CA TRP B 35 -8.04 -0.88 2.02
C TRP B 35 -6.68 -0.47 2.60
N ALA B 36 -5.67 -0.55 1.76
CA ALA B 36 -4.33 -0.19 2.19
C ALA B 36 -4.32 1.27 2.65
N LYS B 37 -5.07 2.09 1.93
CA LYS B 37 -5.16 3.50 2.25
C LYS B 37 -5.93 3.68 3.56
N ASP B 38 -6.49 2.57 4.03
CA ASP B 38 -7.25 2.58 5.27
C ASP B 38 -6.69 1.51 6.22
N CYS B 39 -5.48 1.07 5.91
CA CYS B 39 -4.83 0.05 6.71
C CYS B 39 -4.48 0.66 8.07
N PRO B 40 -4.86 -0.07 9.15
CA PRO B 40 -4.60 0.40 10.51
C PRO B 40 -3.12 0.22 10.87
N LYS B 41 -2.37 -0.31 9.91
CA LYS B 41 -0.95 -0.54 10.11
C LYS B 41 -0.16 0.52 9.34
N LYS B 42 -0.88 1.52 8.85
CA LYS B 42 -0.25 2.59 8.10
C LYS B 42 0.54 3.49 9.05
N PRO B 43 1.58 4.15 8.50
CA PRO B 43 2.42 5.04 9.28
C PRO B 43 1.71 6.36 9.57
N ARG B 44 0.53 6.23 10.17
CA ARG B 44 -0.27 7.41 10.51
C ARG B 44 -0.79 7.29 11.93
N GLY B 45 -0.79 8.42 12.62
CA GLY B 45 -1.28 8.46 13.99
C GLY B 45 -0.44 7.54 14.89
N PRO B 46 -0.78 7.57 16.22
CA PRO B 46 -1.85 8.42 16.69
C PRO B 46 -1.42 9.89 16.74
N ARG B 47 -0.15 10.08 17.08
CA ARG B 47 0.41 11.43 17.17
C ARG B 47 1.87 11.42 16.74
N GLY B 48 2.15 12.15 15.67
CA GLY B 48 3.50 12.24 15.16
C GLY B 48 3.56 11.85 13.68
N PRO B 49 3.20 12.83 12.81
CA PRO B 49 3.21 12.60 11.38
C PRO B 49 4.63 12.58 10.83
N ARG B 50 5.22 11.40 10.83
CA ARG B 50 6.58 11.22 10.34
C ARG B 50 6.89 9.74 10.13
N PRO B 51 6.73 9.30 8.86
CA PRO B 51 6.99 7.91 8.52
C PRO B 51 8.49 7.63 8.46
N GLN B 52 8.82 6.42 8.02
CA GLN B 52 10.22 6.02 7.91
C GLN B 52 10.97 6.41 9.17
N THR B 53 10.97 5.50 10.14
CA THR B 53 11.65 5.74 11.40
C THR B 53 13.16 5.76 11.19
N SER B 54 13.84 6.49 12.06
CA SER B 54 15.29 6.61 11.98
C SER B 54 15.93 5.77 13.09
N LEU B 55 15.51 6.04 14.31
CA LEU B 55 16.04 5.32 15.47
C LEU B 55 15.21 4.06 15.71
N LEU B 56 15.89 3.01 16.14
CA LEU B 56 15.21 1.75 16.41
C LEU B 56 14.63 1.78 17.84
N ALA B 1 22.83 -7.76 -5.34
CA ALA B 1 22.24 -9.03 -5.74
C ALA B 1 20.84 -9.15 -5.14
N THR B 2 19.84 -8.96 -5.99
CA THR B 2 18.46 -9.06 -5.55
C THR B 2 17.56 -9.49 -6.71
N VAL B 3 16.93 -10.64 -6.54
CA VAL B 3 16.05 -11.18 -7.56
C VAL B 3 14.98 -12.05 -6.90
N VAL B 4 13.76 -11.90 -7.38
CA VAL B 4 12.64 -12.67 -6.85
C VAL B 4 11.96 -13.42 -8.00
N SER B 5 11.57 -14.65 -7.69
CA SER B 5 10.90 -15.48 -8.68
C SER B 5 9.98 -16.49 -7.98
N GLY B 6 8.87 -16.78 -8.63
CA GLY B 6 7.91 -17.73 -8.10
C GLY B 6 6.92 -18.18 -9.17
N GLN B 7 6.16 -19.22 -8.84
CA GLN B 7 5.19 -19.76 -9.75
C GLN B 7 3.84 -19.05 -9.56
N LYS B 8 3.21 -18.73 -10.68
CA LYS B 8 1.92 -18.04 -10.65
C LYS B 8 1.32 -18.06 -12.05
N GLN B 9 0.12 -18.64 -12.15
CA GLN B 9 -0.57 -18.72 -13.42
C GLN B 9 -1.87 -17.93 -13.37
N ASP B 10 -2.47 -17.75 -14.54
CA ASP B 10 -3.72 -17.02 -14.63
C ASP B 10 -4.80 -17.94 -15.19
N ARG B 11 -6.04 -17.45 -15.12
CA ARG B 11 -7.17 -18.22 -15.61
C ARG B 11 -8.28 -17.27 -16.08
N GLN B 12 -8.69 -16.41 -15.18
CA GLN B 12 -9.75 -15.45 -15.48
C GLN B 12 -9.16 -14.21 -16.16
N GLY B 13 -9.31 -14.17 -17.47
CA GLY B 13 -8.80 -13.05 -18.26
C GLY B 13 -7.39 -12.67 -17.80
N GLY B 14 -7.00 -11.45 -18.15
CA GLY B 14 -5.67 -10.96 -17.80
C GLY B 14 -5.58 -9.45 -18.02
N GLU B 15 -5.65 -8.72 -16.91
CA GLU B 15 -5.58 -7.27 -16.97
C GLU B 15 -4.79 -6.73 -15.77
N ARG B 16 -5.27 -7.05 -14.59
CA ARG B 16 -4.63 -6.61 -13.36
C ARG B 16 -4.44 -7.79 -12.41
N ARG B 17 -3.18 -8.21 -12.28
CA ARG B 17 -2.86 -9.32 -11.41
C ARG B 17 -2.03 -8.83 -10.22
N ARG B 18 -2.60 -8.99 -9.03
CA ARG B 18 -1.93 -8.57 -7.82
C ARG B 18 -1.86 -9.73 -6.82
N SER B 19 -1.28 -10.83 -7.27
CA SER B 19 -1.14 -12.00 -6.44
C SER B 19 -2.52 -12.55 -6.07
N GLN B 20 -3.13 -11.90 -5.09
CA GLN B 20 -4.45 -12.31 -4.63
C GLN B 20 -5.12 -11.17 -3.86
N LEU B 21 -4.84 -9.95 -4.30
CA LEU B 21 -5.41 -8.78 -3.67
C LEU B 21 -6.81 -8.52 -4.22
N ASP B 22 -7.79 -8.83 -3.39
CA ASP B 22 -9.18 -8.64 -3.79
C ASP B 22 -9.49 -7.14 -3.85
N ARG B 23 -10.55 -6.82 -4.58
CA ARG B 23 -10.97 -5.44 -4.73
C ARG B 23 -11.43 -4.88 -3.39
N ASP B 24 -11.55 -5.77 -2.42
CA ASP B 24 -11.99 -5.38 -1.09
C ASP B 24 -10.97 -5.88 -0.06
N GLN B 25 -9.73 -5.99 -0.51
CA GLN B 25 -8.66 -6.45 0.37
C GLN B 25 -7.67 -5.33 0.62
N CYS B 26 -6.62 -5.66 1.37
CA CYS B 26 -5.60 -4.69 1.69
C CYS B 26 -4.28 -5.13 1.04
N ALA B 27 -3.59 -4.16 0.47
CA ALA B 27 -2.32 -4.44 -0.20
C ALA B 27 -1.18 -3.90 0.66
N TYR B 28 -1.32 -4.07 1.96
CA TYR B 28 -0.31 -3.61 2.89
C TYR B 28 -0.04 -4.65 3.98
N CYS B 29 -1.12 -5.10 4.60
CA CYS B 29 -1.02 -6.10 5.65
C CYS B 29 -1.49 -7.44 5.09
N LYS B 30 -2.32 -7.35 4.06
CA LYS B 30 -2.85 -8.55 3.43
C LYS B 30 -4.18 -8.92 4.09
N GLU B 31 -4.83 -7.91 4.64
CA GLU B 31 -6.11 -8.11 5.30
C GLU B 31 -7.26 -8.00 4.30
N LYS B 32 -8.43 -8.41 4.74
CA LYS B 32 -9.62 -8.36 3.90
C LYS B 32 -10.73 -7.61 4.63
N GLY B 33 -11.17 -6.53 4.01
CA GLY B 33 -12.24 -5.72 4.59
C GLY B 33 -11.92 -4.22 4.47
N HIS B 34 -10.65 -3.91 4.65
CA HIS B 34 -10.19 -2.54 4.57
C HIS B 34 -9.20 -2.38 3.42
N TRP B 35 -9.00 -1.15 3.00
CA TRP B 35 -8.08 -0.85 1.92
C TRP B 35 -6.74 -0.43 2.53
N ALA B 36 -5.70 -0.53 1.72
CA ALA B 36 -4.37 -0.16 2.17
C ALA B 36 -4.38 1.29 2.66
N LYS B 37 -5.07 2.13 1.90
CA LYS B 37 -5.17 3.53 2.25
C LYS B 37 -5.89 3.67 3.61
N ASP B 38 -6.49 2.58 4.03
CA ASP B 38 -7.21 2.56 5.29
C ASP B 38 -6.67 1.44 6.17
N CYS B 39 -5.42 1.06 5.90
CA CYS B 39 -4.78 0.01 6.65
C CYS B 39 -4.55 0.49 8.08
N PRO B 40 -5.03 -0.31 9.06
CA PRO B 40 -4.89 0.03 10.45
C PRO B 40 -3.44 -0.20 10.94
N LYS B 41 -2.62 -0.65 10.00
CA LYS B 41 -1.23 -0.92 10.31
C LYS B 41 -0.38 0.28 9.89
N LYS B 42 -0.95 1.10 9.02
CA LYS B 42 -0.26 2.28 8.53
C LYS B 42 0.28 3.08 9.72
N PRO B 43 1.62 3.00 9.90
CA PRO B 43 2.27 3.71 11.00
C PRO B 43 2.35 5.21 10.70
N ARG B 44 1.71 5.99 11.57
CA ARG B 44 1.72 7.43 11.41
C ARG B 44 3.14 7.95 11.23
N GLY B 45 3.30 8.82 10.23
CA GLY B 45 4.60 9.40 9.94
C GLY B 45 4.87 9.39 8.44
N PRO B 46 6.09 9.88 8.07
CA PRO B 46 7.03 10.36 9.07
C PRO B 46 6.61 11.72 9.62
N ARG B 47 7.05 12.00 10.83
CA ARG B 47 6.73 13.26 11.48
C ARG B 47 7.85 14.29 11.24
N GLY B 48 7.80 14.91 10.07
CA GLY B 48 8.80 15.89 9.72
C GLY B 48 9.91 15.28 8.87
N PRO B 49 11.06 16.00 8.81
CA PRO B 49 12.19 15.54 8.04
C PRO B 49 12.92 14.40 8.75
N ARG B 50 13.43 13.47 7.97
CA ARG B 50 14.14 12.33 8.51
C ARG B 50 15.60 12.34 8.05
N PRO B 51 16.44 13.07 8.84
CA PRO B 51 17.86 13.18 8.52
C PRO B 51 18.59 11.88 8.88
N GLN B 52 18.49 11.51 10.14
CA GLN B 52 19.15 10.30 10.61
C GLN B 52 18.80 10.04 12.09
N THR B 53 19.02 11.07 12.89
CA THR B 53 18.74 10.98 14.32
C THR B 53 18.99 9.56 14.82
N SER B 54 20.15 9.04 14.46
CA SER B 54 20.53 7.69 14.87
C SER B 54 19.49 6.68 14.36
N LEU B 55 19.90 5.43 14.30
CA LEU B 55 19.03 4.37 13.85
C LEU B 55 18.70 4.59 12.36
N LEU B 56 19.24 3.70 11.54
CA LEU B 56 19.01 3.77 10.10
C LEU B 56 19.44 5.16 9.60
N ALA B 1 5.27 18.95 6.88
CA ALA B 1 6.62 19.25 6.39
C ALA B 1 7.65 18.73 7.39
N THR B 2 8.46 17.80 6.92
CA THR B 2 9.49 17.22 7.76
C THR B 2 10.88 17.52 7.19
N VAL B 3 11.88 17.43 8.07
CA VAL B 3 13.25 17.70 7.67
C VAL B 3 13.89 16.40 7.17
N VAL B 4 13.92 16.25 5.86
CA VAL B 4 14.51 15.08 5.25
C VAL B 4 14.11 13.84 6.06
N SER B 5 12.82 13.58 6.10
CA SER B 5 12.30 12.44 6.84
C SER B 5 11.23 11.72 6.01
N GLY B 6 10.92 10.51 6.44
CA GLY B 6 9.91 9.71 5.75
C GLY B 6 10.17 8.22 5.95
N GLN B 7 10.46 7.54 4.86
CA GLN B 7 10.73 6.12 4.90
C GLN B 7 12.22 5.86 5.07
N LYS B 8 12.54 4.74 5.70
CA LYS B 8 13.92 4.37 5.94
C LYS B 8 14.61 4.09 4.60
N GLN B 9 14.13 3.05 3.93
CA GLN B 9 14.68 2.67 2.65
C GLN B 9 13.91 1.48 2.07
N ASP B 10 12.89 1.81 1.28
CA ASP B 10 12.07 0.79 0.66
C ASP B 10 11.53 1.32 -0.67
N ARG B 11 11.84 0.57 -1.73
CA ARG B 11 11.40 0.96 -3.07
C ARG B 11 11.25 -0.29 -3.95
N GLN B 12 10.02 -0.75 -4.06
CA GLN B 12 9.75 -1.93 -4.86
C GLN B 12 10.64 -3.10 -4.45
N GLY B 13 10.11 -3.92 -3.55
CA GLY B 13 10.86 -5.06 -3.06
C GLY B 13 9.95 -6.29 -2.94
N GLY B 14 9.66 -6.89 -4.08
CA GLY B 14 8.82 -8.07 -4.11
C GLY B 14 8.26 -8.31 -5.51
N GLU B 15 7.78 -9.53 -5.73
CA GLU B 15 7.22 -9.89 -7.02
C GLU B 15 5.85 -10.55 -6.84
N ARG B 16 4.82 -9.78 -7.14
CA ARG B 16 3.46 -10.28 -7.01
C ARG B 16 2.46 -9.26 -7.55
N ARG B 17 2.00 -9.50 -8.77
CA ARG B 17 1.05 -8.61 -9.40
C ARG B 17 -0.36 -8.88 -8.89
N ARG B 18 -0.72 -8.16 -7.84
CA ARG B 18 -2.03 -8.31 -7.24
C ARG B 18 -2.43 -9.79 -7.20
N SER B 19 -1.42 -10.64 -7.11
CA SER B 19 -1.66 -12.08 -7.07
C SER B 19 -2.90 -12.38 -6.22
N GLN B 20 -2.91 -11.82 -5.02
CA GLN B 20 -4.02 -12.03 -4.11
C GLN B 20 -4.52 -10.68 -3.57
N LEU B 21 -4.63 -9.73 -4.48
CA LEU B 21 -5.09 -8.40 -4.10
C LEU B 21 -6.53 -8.20 -4.60
N ASP B 22 -7.47 -8.66 -3.79
CA ASP B 22 -8.87 -8.54 -4.13
C ASP B 22 -9.28 -7.07 -4.10
N ARG B 23 -10.41 -6.78 -4.73
CA ARG B 23 -10.92 -5.42 -4.77
C ARG B 23 -11.28 -4.94 -3.36
N ASP B 24 -11.28 -5.87 -2.44
CA ASP B 24 -11.61 -5.57 -1.05
C ASP B 24 -10.55 -6.18 -0.14
N GLN B 25 -9.34 -6.30 -0.67
CA GLN B 25 -8.24 -6.87 0.09
C GLN B 25 -7.13 -5.84 0.26
N CYS B 26 -6.78 -5.59 1.51
CA CYS B 26 -5.73 -4.62 1.82
C CYS B 26 -4.44 -5.09 1.14
N ALA B 27 -3.79 -4.15 0.47
CA ALA B 27 -2.54 -4.45 -0.21
C ALA B 27 -1.37 -3.92 0.61
N TYR B 28 -1.51 -4.02 1.91
CA TYR B 28 -0.47 -3.56 2.82
C TYR B 28 -0.15 -4.62 3.88
N CYS B 29 -1.21 -5.10 4.52
CA CYS B 29 -1.05 -6.10 5.56
C CYS B 29 -1.58 -7.43 5.02
N LYS B 30 -2.45 -7.33 4.02
CA LYS B 30 -3.02 -8.52 3.41
C LYS B 30 -4.32 -8.88 4.14
N GLU B 31 -4.94 -7.87 4.72
CA GLU B 31 -6.19 -8.06 5.43
C GLU B 31 -7.38 -7.64 4.58
N LYS B 32 -8.35 -8.52 4.50
CA LYS B 32 -9.55 -8.25 3.71
C LYS B 32 -10.58 -7.54 4.59
N GLY B 33 -11.18 -6.51 4.02
CA GLY B 33 -12.18 -5.73 4.73
C GLY B 33 -11.88 -4.23 4.65
N HIS B 34 -10.60 -3.92 4.62
CA HIS B 34 -10.17 -2.54 4.55
C HIS B 34 -9.15 -2.38 3.41
N TRP B 35 -8.96 -1.14 3.00
CA TRP B 35 -8.03 -0.83 1.93
C TRP B 35 -6.69 -0.42 2.56
N ALA B 36 -5.65 -0.52 1.76
CA ALA B 36 -4.31 -0.16 2.22
C ALA B 36 -4.31 1.31 2.66
N LYS B 37 -5.08 2.11 1.96
CA LYS B 37 -5.17 3.52 2.27
C LYS B 37 -5.89 3.70 3.60
N ASP B 38 -6.43 2.60 4.10
CA ASP B 38 -7.15 2.62 5.37
C ASP B 38 -6.61 1.51 6.27
N CYS B 39 -5.40 1.07 5.96
CA CYS B 39 -4.76 0.02 6.73
C CYS B 39 -4.52 0.54 8.15
N PRO B 40 -4.92 -0.30 9.14
CA PRO B 40 -4.76 0.07 10.53
C PRO B 40 -3.30 -0.06 10.97
N LYS B 41 -2.47 -0.45 10.02
CA LYS B 41 -1.04 -0.61 10.29
C LYS B 41 -0.30 0.65 9.85
N LYS B 42 -0.96 1.42 9.00
CA LYS B 42 -0.37 2.65 8.49
C LYS B 42 -0.05 3.58 9.68
N PRO B 43 1.27 3.75 9.93
CA PRO B 43 1.72 4.59 11.02
C PRO B 43 1.56 6.07 10.66
N ARG B 44 2.17 6.45 9.55
CA ARG B 44 2.10 7.83 9.09
C ARG B 44 1.00 7.98 8.04
N GLY B 45 0.29 9.10 8.13
CA GLY B 45 -0.80 9.38 7.21
C GLY B 45 -2.07 9.78 7.95
N PRO B 46 -3.14 10.03 7.15
CA PRO B 46 -3.05 9.91 5.71
C PRO B 46 -2.29 11.10 5.11
N ARG B 47 -1.78 10.89 3.91
CA ARG B 47 -1.04 11.92 3.21
C ARG B 47 -1.99 12.83 2.44
N GLY B 48 -1.86 14.13 2.68
CA GLY B 48 -2.70 15.12 2.02
C GLY B 48 -2.30 15.26 0.55
N PRO B 49 -2.65 16.44 -0.02
CA PRO B 49 -2.34 16.73 -1.42
C PRO B 49 -0.86 17.04 -1.60
N ARG B 50 -0.18 16.14 -2.29
CA ARG B 50 1.25 16.30 -2.54
C ARG B 50 1.52 16.33 -4.05
N PRO B 51 2.52 17.18 -4.43
CA PRO B 51 2.88 17.32 -5.83
C PRO B 51 3.69 16.11 -6.30
N GLN B 52 2.99 15.21 -6.99
CA GLN B 52 3.62 14.00 -7.50
C GLN B 52 3.35 13.87 -9.00
N THR B 53 4.37 13.39 -9.70
CA THR B 53 4.26 13.20 -11.14
C THR B 53 4.66 11.77 -11.54
N SER B 54 3.67 11.00 -11.94
CA SER B 54 3.91 9.63 -12.33
C SER B 54 3.44 9.42 -13.78
N LEU B 55 4.30 8.77 -14.56
CA LEU B 55 3.98 8.50 -15.95
C LEU B 55 4.40 7.07 -16.29
N LEU B 56 3.91 6.59 -17.43
CA LEU B 56 4.23 5.26 -17.88
C LEU B 56 4.14 5.20 -19.40
N ALA B 1 -4.01 36.96 -32.36
CA ALA B 1 -3.90 36.15 -31.16
C ALA B 1 -3.77 34.68 -31.55
N THR B 2 -2.83 34.00 -30.90
CA THR B 2 -2.59 32.60 -31.17
C THR B 2 -2.37 31.83 -29.86
N VAL B 3 -2.90 30.62 -29.83
CA VAL B 3 -2.78 29.78 -28.65
C VAL B 3 -2.43 28.35 -29.08
N VAL B 4 -1.43 27.79 -28.42
CA VAL B 4 -1.00 26.44 -28.73
C VAL B 4 -0.03 25.96 -27.64
N SER B 5 -0.35 24.81 -27.07
CA SER B 5 0.48 24.23 -26.02
C SER B 5 0.52 22.71 -26.16
N GLY B 6 1.61 22.13 -25.68
CA GLY B 6 1.78 20.69 -25.74
C GLY B 6 1.99 20.10 -24.34
N GLN B 7 1.29 19.01 -24.08
CA GLN B 7 1.39 18.34 -22.80
C GLN B 7 1.58 16.84 -22.99
N LYS B 8 2.22 16.22 -22.01
CA LYS B 8 2.47 14.79 -22.07
C LYS B 8 2.67 14.26 -20.65
N GLN B 9 2.40 12.98 -20.48
CA GLN B 9 2.55 12.33 -19.18
C GLN B 9 2.53 10.81 -19.34
N ASP B 10 3.69 10.21 -19.12
CA ASP B 10 3.82 8.77 -19.22
C ASP B 10 5.03 8.30 -18.41
N ARG B 11 4.86 7.18 -17.74
CA ARG B 11 5.93 6.61 -16.92
C ARG B 11 6.08 5.12 -17.21
N GLN B 12 7.33 4.70 -17.33
CA GLN B 12 7.63 3.31 -17.59
C GLN B 12 7.73 2.53 -16.29
N GLY B 13 7.47 1.23 -16.39
CA GLY B 13 7.53 0.35 -15.22
C GLY B 13 6.26 -0.50 -15.12
N GLY B 14 6.05 -1.32 -16.13
CA GLY B 14 4.89 -2.19 -16.16
C GLY B 14 5.21 -3.55 -15.54
N GLU B 15 4.70 -3.74 -14.33
CA GLU B 15 4.92 -4.99 -13.61
C GLU B 15 3.68 -5.87 -13.69
N ARG B 16 2.60 -5.36 -13.14
CA ARG B 16 1.33 -6.09 -13.13
C ARG B 16 1.44 -7.33 -12.24
N ARG B 17 0.66 -7.31 -11.17
CA ARG B 17 0.65 -8.41 -10.23
C ARG B 17 -0.30 -8.11 -9.07
N ARG B 18 -1.18 -9.07 -8.80
CA ARG B 18 -2.14 -8.92 -7.73
C ARG B 18 -2.48 -10.29 -7.13
N SER B 19 -1.48 -10.92 -6.53
CA SER B 19 -1.67 -12.22 -5.92
C SER B 19 -3.02 -12.28 -5.20
N GLN B 20 -3.99 -12.85 -5.90
CA GLN B 20 -5.33 -12.97 -5.34
C GLN B 20 -5.70 -11.71 -4.55
N LEU B 21 -5.57 -10.58 -5.21
CA LEU B 21 -5.87 -9.30 -4.58
C LEU B 21 -7.36 -8.98 -4.79
N ASP B 22 -8.11 -9.13 -3.71
CA ASP B 22 -9.55 -8.86 -3.75
C ASP B 22 -9.78 -7.36 -3.74
N ARG B 23 -10.81 -6.94 -4.47
CA ARG B 23 -11.15 -5.54 -4.55
C ARG B 23 -11.51 -5.00 -3.16
N ASP B 24 -11.71 -5.92 -2.24
CA ASP B 24 -12.05 -5.56 -0.87
C ASP B 24 -10.98 -6.08 0.08
N GLN B 25 -9.76 -6.08 -0.41
CA GLN B 25 -8.62 -6.55 0.39
C GLN B 25 -7.64 -5.40 0.64
N CYS B 26 -6.62 -5.72 1.41
CA CYS B 26 -5.60 -4.72 1.74
C CYS B 26 -4.28 -5.17 1.10
N ALA B 27 -3.63 -4.21 0.45
CA ALA B 27 -2.37 -4.48 -0.21
C ALA B 27 -1.23 -3.92 0.64
N TYR B 28 -1.38 -4.03 1.95
CA TYR B 28 -0.38 -3.53 2.87
C TYR B 28 -0.07 -4.58 3.95
N CYS B 29 -1.13 -5.09 4.56
CA CYS B 29 -0.98 -6.08 5.60
C CYS B 29 -1.46 -7.43 5.05
N LYS B 30 -2.30 -7.35 4.03
CA LYS B 30 -2.84 -8.54 3.40
C LYS B 30 -4.17 -8.90 4.08
N GLU B 31 -4.80 -7.89 4.65
CA GLU B 31 -6.08 -8.08 5.33
C GLU B 31 -7.22 -8.15 4.31
N LYS B 32 -8.42 -8.28 4.83
CA LYS B 32 -9.61 -8.34 3.98
C LYS B 32 -10.73 -7.53 4.63
N GLY B 33 -11.14 -6.49 3.92
CA GLY B 33 -12.20 -5.62 4.40
C GLY B 33 -11.83 -4.15 4.23
N HIS B 34 -10.65 -3.81 4.72
CA HIS B 34 -10.17 -2.44 4.63
C HIS B 34 -9.19 -2.31 3.46
N TRP B 35 -8.99 -1.08 3.03
CA TRP B 35 -8.07 -0.81 1.93
C TRP B 35 -6.72 -0.43 2.52
N ALA B 36 -5.70 -0.51 1.68
CA ALA B 36 -4.35 -0.18 2.10
C ALA B 36 -4.32 1.25 2.64
N LYS B 37 -5.06 2.11 1.96
CA LYS B 37 -5.12 3.51 2.36
C LYS B 37 -5.86 3.62 3.70
N ASP B 38 -6.54 2.53 4.06
CA ASP B 38 -7.28 2.49 5.30
C ASP B 38 -6.70 1.40 6.20
N CYS B 39 -5.50 0.97 5.86
CA CYS B 39 -4.83 -0.06 6.63
C CYS B 39 -4.61 0.45 8.05
N PRO B 40 -5.14 -0.33 9.03
CA PRO B 40 -5.03 0.03 10.43
C PRO B 40 -3.60 -0.22 10.95
N LYS B 41 -2.77 -0.73 10.04
CA LYS B 41 -1.39 -1.02 10.39
C LYS B 41 -0.49 0.13 9.92
N LYS B 42 -1.03 0.92 9.02
CA LYS B 42 -0.29 2.06 8.48
C LYS B 42 0.12 2.97 9.64
N PRO B 43 1.24 3.71 9.39
CA PRO B 43 1.76 4.63 10.40
C PRO B 43 0.90 5.89 10.50
N ARG B 44 0.35 6.11 11.68
CA ARG B 44 -0.50 7.28 11.91
C ARG B 44 0.30 8.38 12.61
N GLY B 45 1.15 9.04 11.85
CA GLY B 45 1.96 10.11 12.38
C GLY B 45 3.12 9.56 13.22
N PRO B 46 3.98 10.49 13.70
CA PRO B 46 3.80 11.90 13.42
C PRO B 46 4.19 12.23 11.97
N ARG B 47 3.41 13.12 11.38
CA ARG B 47 3.66 13.53 10.00
C ARG B 47 4.74 14.63 9.96
N GLY B 48 5.83 14.31 9.28
CA GLY B 48 6.93 15.25 9.16
C GLY B 48 8.18 14.57 8.61
N PRO B 49 8.38 14.71 7.27
CA PRO B 49 9.52 14.11 6.61
C PRO B 49 10.80 14.89 6.92
N ARG B 50 11.42 14.54 8.03
CA ARG B 50 12.64 15.21 8.45
C ARG B 50 13.66 15.21 7.30
N PRO B 51 13.85 16.42 6.70
CA PRO B 51 14.78 16.56 5.60
C PRO B 51 16.22 16.55 6.10
N GLN B 52 16.45 17.26 7.19
CA GLN B 52 17.77 17.34 7.78
C GLN B 52 18.83 17.54 6.69
N THR B 53 18.90 18.76 6.19
CA THR B 53 19.86 19.10 5.15
C THR B 53 20.99 19.96 5.72
N SER B 54 20.59 21.01 6.43
CA SER B 54 21.55 21.92 7.03
C SER B 54 21.08 22.34 8.42
N LEU B 55 21.37 21.48 9.38
CA LEU B 55 20.99 21.74 10.76
C LEU B 55 21.44 20.58 11.65
N LEU B 56 21.16 20.71 12.94
CA LEU B 56 21.53 19.68 13.90
C LEU B 56 23.05 19.53 13.91
N ALA B 1 -16.12 -54.53 -8.65
CA ALA B 1 -16.11 -53.81 -9.92
C ALA B 1 -15.80 -52.34 -9.66
N THR B 2 -16.72 -51.69 -8.98
CA THR B 2 -16.56 -50.28 -8.65
C THR B 2 -16.11 -49.50 -9.90
N VAL B 3 -15.79 -48.23 -9.68
CA VAL B 3 -15.35 -47.38 -10.77
C VAL B 3 -14.22 -46.47 -10.28
N VAL B 4 -13.29 -46.19 -11.17
CA VAL B 4 -12.16 -45.34 -10.85
C VAL B 4 -12.49 -43.89 -11.21
N SER B 5 -11.63 -43.00 -10.77
CA SER B 5 -11.81 -41.58 -11.04
C SER B 5 -10.65 -40.77 -10.46
N GLY B 6 -9.97 -40.05 -11.34
CA GLY B 6 -8.84 -39.24 -10.94
C GLY B 6 -9.02 -37.79 -11.38
N GLN B 7 -8.17 -36.93 -10.83
CA GLN B 7 -8.23 -35.51 -11.15
C GLN B 7 -6.82 -34.94 -11.28
N LYS B 8 -6.62 -34.15 -12.33
CA LYS B 8 -5.32 -33.53 -12.56
C LYS B 8 -5.21 -32.25 -11.74
N GLN B 9 -3.98 -31.80 -11.57
CA GLN B 9 -3.73 -30.59 -10.80
C GLN B 9 -3.90 -29.36 -11.69
N ASP B 10 -4.18 -28.23 -11.05
CA ASP B 10 -4.37 -26.99 -11.78
C ASP B 10 -3.05 -26.60 -12.45
N ARG B 11 -3.15 -26.30 -13.74
CA ARG B 11 -1.99 -25.92 -14.51
C ARG B 11 -1.75 -24.40 -14.41
N GLN B 12 -0.62 -24.05 -13.81
CA GLN B 12 -0.27 -22.66 -13.65
C GLN B 12 -0.53 -21.89 -14.94
N GLY B 13 -0.86 -20.61 -14.77
CA GLY B 13 -1.14 -19.75 -15.91
C GLY B 13 -0.30 -18.48 -15.86
N GLY B 14 -0.98 -17.35 -15.71
CA GLY B 14 -0.31 -16.07 -15.65
C GLY B 14 -0.22 -15.57 -14.20
N GLU B 15 0.11 -14.29 -14.07
CA GLU B 15 0.24 -13.69 -12.75
C GLU B 15 0.14 -12.16 -12.86
N ARG B 16 -0.75 -11.60 -12.04
CA ARG B 16 -0.95 -10.17 -12.04
C ARG B 16 -0.39 -9.55 -10.75
N ARG B 17 -0.23 -8.24 -10.78
CA ARG B 17 0.29 -7.53 -9.62
C ARG B 17 -0.81 -7.33 -8.58
N ARG B 18 -1.14 -8.41 -7.90
CA ARG B 18 -2.17 -8.37 -6.88
C ARG B 18 -2.28 -9.73 -6.18
N SER B 19 -1.13 -10.23 -5.74
CA SER B 19 -1.09 -11.52 -5.07
C SER B 19 -2.23 -11.61 -4.05
N GLN B 20 -3.18 -12.49 -4.35
CA GLN B 20 -4.32 -12.69 -3.48
C GLN B 20 -4.78 -11.35 -2.91
N LEU B 21 -5.01 -10.40 -3.80
CA LEU B 21 -5.46 -9.08 -3.40
C LEU B 21 -6.78 -8.75 -4.09
N ASP B 22 -7.87 -8.98 -3.35
CA ASP B 22 -9.20 -8.72 -3.88
C ASP B 22 -9.44 -7.22 -3.91
N ARG B 23 -10.47 -6.83 -4.65
CA ARG B 23 -10.82 -5.43 -4.77
C ARG B 23 -11.33 -4.88 -3.43
N ASP B 24 -11.48 -5.79 -2.48
CA ASP B 24 -11.95 -5.41 -1.16
C ASP B 24 -10.94 -5.90 -0.11
N GLN B 25 -9.70 -6.05 -0.56
CA GLN B 25 -8.64 -6.49 0.32
C GLN B 25 -7.63 -5.37 0.56
N CYS B 26 -6.67 -5.65 1.42
CA CYS B 26 -5.64 -4.67 1.74
C CYS B 26 -4.33 -5.13 1.08
N ALA B 27 -3.67 -4.17 0.44
CA ALA B 27 -2.41 -4.45 -0.22
C ALA B 27 -1.25 -3.92 0.63
N TYR B 28 -1.40 -4.08 1.93
CA TYR B 28 -0.38 -3.62 2.86
C TYR B 28 -0.09 -4.69 3.91
N CYS B 29 -1.14 -5.15 4.56
CA CYS B 29 -1.01 -6.17 5.58
C CYS B 29 -1.61 -7.47 5.06
N LYS B 30 -2.42 -7.33 4.02
CA LYS B 30 -3.07 -8.48 3.41
C LYS B 30 -4.39 -8.75 4.13
N GLU B 31 -4.92 -7.72 4.76
CA GLU B 31 -6.17 -7.83 5.48
C GLU B 31 -7.35 -7.63 4.53
N LYS B 32 -8.31 -8.53 4.63
CA LYS B 32 -9.49 -8.46 3.78
C LYS B 32 -10.59 -7.70 4.52
N GLY B 33 -11.01 -6.60 3.92
CA GLY B 33 -12.06 -5.77 4.51
C GLY B 33 -11.74 -4.29 4.35
N HIS B 34 -10.53 -3.93 4.75
CA HIS B 34 -10.08 -2.55 4.66
C HIS B 34 -9.09 -2.40 3.51
N TRP B 35 -8.93 -1.17 3.05
CA TRP B 35 -8.02 -0.88 1.96
C TRP B 35 -6.68 -0.47 2.56
N ALA B 36 -5.64 -0.54 1.73
CA ALA B 36 -4.30 -0.17 2.16
C ALA B 36 -4.32 1.27 2.69
N LYS B 37 -5.01 2.13 1.96
CA LYS B 37 -5.11 3.52 2.34
C LYS B 37 -5.90 3.64 3.64
N ASP B 38 -6.51 2.53 4.02
CA ASP B 38 -7.31 2.49 5.24
C ASP B 38 -6.70 1.47 6.20
N CYS B 39 -5.53 0.98 5.84
CA CYS B 39 -4.84 0.00 6.66
C CYS B 39 -4.55 0.63 8.02
N PRO B 40 -4.98 -0.09 9.09
CA PRO B 40 -4.76 0.39 10.44
C PRO B 40 -3.31 0.21 10.87
N LYS B 41 -2.52 -0.33 9.96
CA LYS B 41 -1.11 -0.56 10.22
C LYS B 41 -0.30 0.62 9.69
N LYS B 42 -0.91 1.37 8.78
CA LYS B 42 -0.26 2.52 8.19
C LYS B 42 0.30 3.40 9.30
N PRO B 43 1.65 3.37 9.44
CA PRO B 43 2.32 4.16 10.46
C PRO B 43 2.37 5.64 10.06
N ARG B 44 2.76 6.47 11.02
CA ARG B 44 2.85 7.90 10.79
C ARG B 44 3.55 8.17 9.45
N GLY B 45 3.11 9.24 8.80
CA GLY B 45 3.68 9.62 7.52
C GLY B 45 2.65 10.34 6.66
N PRO B 46 3.12 10.81 5.46
CA PRO B 46 4.51 10.63 5.09
C PRO B 46 5.42 11.57 5.86
N ARG B 47 4.97 12.81 5.98
CA ARG B 47 5.74 13.82 6.69
C ARG B 47 4.89 14.45 7.80
N GLY B 48 5.42 14.38 9.01
CA GLY B 48 4.73 14.93 10.16
C GLY B 48 5.70 15.70 11.06
N PRO B 49 5.42 15.63 12.39
CA PRO B 49 6.26 16.31 13.37
C PRO B 49 7.58 15.58 13.57
N ARG B 50 8.54 15.91 12.71
CA ARG B 50 9.85 15.31 12.78
C ARG B 50 10.92 16.28 12.29
N PRO B 51 11.53 17.00 13.27
CA PRO B 51 12.57 17.97 12.94
C PRO B 51 13.88 17.26 12.59
N GLN B 52 14.42 17.63 11.43
CA GLN B 52 15.67 17.05 10.96
C GLN B 52 16.83 17.53 11.83
N THR B 53 17.04 18.84 11.81
CA THR B 53 18.11 19.43 12.59
C THR B 53 19.39 18.59 12.48
N SER B 54 19.88 18.49 11.25
CA SER B 54 21.09 17.71 11.00
C SER B 54 22.27 18.66 10.77
N LEU B 55 22.11 19.51 9.76
CA LEU B 55 23.16 20.46 9.43
C LEU B 55 22.53 21.68 8.75
N LEU B 56 22.34 22.73 9.52
CA LEU B 56 21.76 23.95 9.01
C LEU B 56 22.49 25.16 9.60
N ALA B 1 4.05 45.22 -14.59
CA ALA B 1 4.04 43.78 -14.39
C ALA B 1 2.65 43.23 -14.71
N THR B 2 2.61 42.29 -15.63
CA THR B 2 1.36 41.69 -16.04
C THR B 2 1.59 40.26 -16.52
N VAL B 3 1.02 39.31 -15.77
CA VAL B 3 1.17 37.91 -16.12
C VAL B 3 0.15 37.09 -15.32
N VAL B 4 -0.13 35.89 -15.83
CA VAL B 4 -1.07 35.00 -15.16
C VAL B 4 -0.76 33.56 -15.55
N SER B 5 -0.67 32.72 -14.53
CA SER B 5 -0.38 31.31 -14.75
C SER B 5 -0.44 30.55 -13.42
N GLY B 6 -0.79 29.28 -13.52
CA GLY B 6 -0.89 28.43 -12.35
C GLY B 6 -2.04 27.43 -12.48
N GLN B 7 -1.75 26.34 -13.17
CA GLN B 7 -2.75 25.30 -13.37
C GLN B 7 -2.08 24.03 -13.94
N LYS B 8 -2.45 22.91 -13.35
CA LYS B 8 -1.90 21.63 -13.77
C LYS B 8 -2.79 20.49 -13.26
N GLN B 9 -2.69 19.35 -13.92
CA GLN B 9 -3.48 18.20 -13.54
C GLN B 9 -2.56 16.97 -13.36
N ASP B 10 -3.06 16.01 -12.60
CA ASP B 10 -2.31 14.79 -12.36
C ASP B 10 -3.29 13.63 -12.16
N ARG B 11 -2.97 12.50 -12.77
CA ARG B 11 -3.80 11.32 -12.67
C ARG B 11 -2.99 10.06 -13.01
N GLN B 12 -3.01 9.11 -12.09
CA GLN B 12 -2.29 7.87 -12.27
C GLN B 12 -3.18 6.68 -11.94
N GLY B 13 -2.82 5.54 -12.51
CA GLY B 13 -3.59 4.32 -12.28
C GLY B 13 -3.66 3.48 -13.55
N GLY B 14 -3.05 2.30 -13.49
CA GLY B 14 -3.05 1.40 -14.62
C GLY B 14 -3.53 0.00 -14.22
N GLU B 15 -4.54 -0.47 -14.92
CA GLU B 15 -5.10 -1.79 -14.64
C GLU B 15 -4.43 -2.84 -15.53
N ARG B 16 -4.22 -4.01 -14.94
CA ARG B 16 -3.59 -5.10 -15.67
C ARG B 16 -3.73 -6.41 -14.89
N ARG B 17 -3.20 -6.40 -13.68
CA ARG B 17 -3.27 -7.57 -12.82
C ARG B 17 -2.52 -7.31 -11.51
N ARG B 18 -3.26 -7.45 -10.41
CA ARG B 18 -2.68 -7.24 -9.10
C ARG B 18 -2.55 -8.56 -8.34
N SER B 19 -2.06 -9.56 -9.06
CA SER B 19 -1.88 -10.88 -8.48
C SER B 19 -3.21 -11.38 -7.90
N GLN B 20 -3.39 -11.11 -6.61
CA GLN B 20 -4.60 -11.52 -5.93
C GLN B 20 -5.14 -10.38 -5.06
N LEU B 21 -5.02 -9.18 -5.57
CA LEU B 21 -5.47 -8.00 -4.85
C LEU B 21 -6.98 -7.84 -5.06
N ASP B 22 -7.73 -8.42 -4.15
CA ASP B 22 -9.18 -8.36 -4.21
C ASP B 22 -9.64 -6.91 -4.00
N ARG B 23 -10.84 -6.62 -4.47
CA ARG B 23 -11.39 -5.28 -4.35
C ARG B 23 -11.62 -4.95 -2.87
N ASP B 24 -11.48 -5.96 -2.03
CA ASP B 24 -11.67 -5.79 -0.61
C ASP B 24 -10.49 -6.43 0.14
N GLN B 25 -9.35 -6.44 -0.53
CA GLN B 25 -8.15 -7.01 0.06
C GLN B 25 -7.06 -5.94 0.21
N CYS B 26 -6.69 -5.69 1.46
CA CYS B 26 -5.67 -4.70 1.75
C CYS B 26 -4.36 -5.14 1.07
N ALA B 27 -3.73 -4.19 0.41
CA ALA B 27 -2.48 -4.45 -0.28
C ALA B 27 -1.31 -3.95 0.57
N TYR B 28 -1.48 -4.07 1.88
CA TYR B 28 -0.45 -3.63 2.81
C TYR B 28 -0.17 -4.71 3.86
N CYS B 29 -1.20 -5.06 4.61
CA CYS B 29 -1.08 -6.06 5.65
C CYS B 29 -1.53 -7.41 5.06
N LYS B 30 -2.45 -7.33 4.12
CA LYS B 30 -2.97 -8.52 3.48
C LYS B 30 -4.26 -8.95 4.17
N GLU B 31 -4.96 -7.96 4.71
CA GLU B 31 -6.21 -8.22 5.41
C GLU B 31 -7.39 -7.69 4.58
N LYS B 32 -8.38 -8.55 4.39
CA LYS B 32 -9.56 -8.19 3.63
C LYS B 32 -10.56 -7.50 4.55
N GLY B 33 -11.22 -6.49 4.01
CA GLY B 33 -12.20 -5.73 4.78
C GLY B 33 -11.93 -4.22 4.69
N HIS B 34 -10.66 -3.89 4.64
CA HIS B 34 -10.25 -2.49 4.55
C HIS B 34 -9.31 -2.30 3.38
N TRP B 35 -9.03 -1.05 3.08
CA TRP B 35 -8.14 -0.71 1.98
C TRP B 35 -6.78 -0.32 2.56
N ALA B 36 -5.76 -0.43 1.73
CA ALA B 36 -4.41 -0.09 2.16
C ALA B 36 -4.38 1.37 2.64
N LYS B 37 -5.14 2.20 1.94
CA LYS B 37 -5.21 3.61 2.29
C LYS B 37 -5.82 3.76 3.69
N ASP B 38 -6.46 2.69 4.14
CA ASP B 38 -7.09 2.68 5.45
C ASP B 38 -6.55 1.51 6.27
N CYS B 39 -5.31 1.14 5.97
CA CYS B 39 -4.68 0.03 6.67
C CYS B 39 -4.42 0.47 8.11
N PRO B 40 -4.81 -0.43 9.06
CA PRO B 40 -4.63 -0.15 10.46
C PRO B 40 -3.16 -0.31 10.88
N LYS B 41 -2.34 -0.65 9.89
CA LYS B 41 -0.92 -0.83 10.13
C LYS B 41 -0.17 0.44 9.72
N LYS B 42 -0.83 1.25 8.90
CA LYS B 42 -0.24 2.48 8.43
C LYS B 42 0.23 3.31 9.63
N PRO B 43 1.30 4.10 9.39
CA PRO B 43 1.87 4.93 10.44
C PRO B 43 0.98 6.16 10.70
N ARG B 44 1.41 6.96 11.66
CA ARG B 44 0.66 8.16 12.02
C ARG B 44 0.51 9.07 10.80
N GLY B 45 -0.72 9.49 10.56
CA GLY B 45 -1.02 10.36 9.44
C GLY B 45 -1.68 11.66 9.90
N PRO B 46 -1.98 12.53 8.91
CA PRO B 46 -1.70 12.23 7.52
C PRO B 46 -0.20 12.37 7.23
N ARG B 47 0.15 12.06 6.00
CA ARG B 47 1.54 12.15 5.57
C ARG B 47 1.63 12.33 4.06
N GLY B 48 2.58 13.17 3.65
CA GLY B 48 2.78 13.44 2.24
C GLY B 48 1.66 14.32 1.69
N PRO B 49 1.54 14.32 0.33
CA PRO B 49 0.51 15.11 -0.32
C PRO B 49 -0.87 14.47 -0.16
N ARG B 50 -1.73 15.18 0.55
CA ARG B 50 -3.08 14.70 0.79
C ARG B 50 -3.97 14.99 -0.42
N PRO B 51 -4.95 14.07 -0.64
CA PRO B 51 -5.88 14.21 -1.76
C PRO B 51 -6.91 15.31 -1.48
N GLN B 52 -7.47 15.25 -0.28
CA GLN B 52 -8.47 16.22 0.12
C GLN B 52 -7.84 17.29 1.01
N THR B 53 -7.68 18.48 0.44
CA THR B 53 -7.09 19.59 1.16
C THR B 53 -8.05 20.06 2.27
N SER B 54 -7.56 19.96 3.50
CA SER B 54 -8.35 20.37 4.65
C SER B 54 -7.67 21.54 5.35
N LEU B 55 -8.48 22.32 6.06
CA LEU B 55 -7.97 23.46 6.79
C LEU B 55 -7.40 24.49 5.80
N LEU B 56 -7.79 25.74 5.98
CA LEU B 56 -7.32 26.80 5.11
C LEU B 56 -6.21 27.58 5.82
N ALA B 1 22.18 32.06 -5.12
CA ALA B 1 21.15 31.08 -4.88
C ALA B 1 21.31 29.92 -5.87
N THR B 2 21.05 28.71 -5.37
CA THR B 2 21.17 27.52 -6.19
C THR B 2 20.21 26.45 -5.71
N VAL B 3 19.56 25.79 -6.66
CA VAL B 3 18.62 24.74 -6.34
C VAL B 3 18.18 24.05 -7.63
N VAL B 4 18.39 22.75 -7.67
CA VAL B 4 18.03 21.95 -8.83
C VAL B 4 16.82 21.08 -8.49
N SER B 5 16.12 20.67 -9.53
CA SER B 5 14.94 19.83 -9.36
C SER B 5 15.29 18.38 -9.68
N GLY B 6 15.12 17.54 -8.67
CA GLY B 6 15.40 16.11 -8.83
C GLY B 6 14.45 15.47 -9.83
N GLN B 7 14.55 14.15 -9.93
CA GLN B 7 13.72 13.40 -10.84
C GLN B 7 12.86 12.39 -10.07
N LYS B 8 11.71 12.07 -10.65
CA LYS B 8 10.80 11.11 -10.04
C LYS B 8 10.49 10.00 -11.03
N GLN B 9 10.88 8.79 -10.65
CA GLN B 9 10.66 7.63 -11.50
C GLN B 9 9.56 6.75 -10.90
N ASP B 10 9.10 5.80 -11.71
CA ASP B 10 8.06 4.89 -11.28
C ASP B 10 8.50 3.45 -11.55
N ARG B 11 8.16 2.58 -10.62
CA ARG B 11 8.52 1.18 -10.73
C ARG B 11 7.26 0.31 -10.75
N GLN B 12 7.23 -0.61 -11.71
CA GLN B 12 6.10 -1.51 -11.86
C GLN B 12 6.58 -2.95 -12.03
N GLY B 13 6.01 -3.83 -11.23
CA GLY B 13 6.37 -5.24 -11.28
C GLY B 13 6.10 -5.82 -12.66
N GLY B 14 6.31 -7.12 -12.77
CA GLY B 14 6.08 -7.82 -14.04
C GLY B 14 5.49 -9.21 -13.80
N GLU B 15 6.19 -9.98 -12.98
CA GLU B 15 5.75 -11.33 -12.66
C GLU B 15 4.82 -11.31 -11.45
N ARG B 16 3.91 -10.35 -11.46
CA ARG B 16 2.95 -10.22 -10.37
C ARG B 16 1.57 -9.87 -10.93
N ARG B 17 0.65 -10.81 -10.75
CA ARG B 17 -0.71 -10.62 -11.23
C ARG B 17 -1.67 -10.48 -10.05
N ARG B 18 -1.48 -9.42 -9.29
CA ARG B 18 -2.32 -9.16 -8.13
C ARG B 18 -2.36 -10.39 -7.22
N SER B 19 -1.21 -10.67 -6.61
CA SER B 19 -1.10 -11.81 -5.72
C SER B 19 -2.33 -11.87 -4.79
N GLN B 20 -3.30 -12.67 -5.21
CA GLN B 20 -4.52 -12.82 -4.42
C GLN B 20 -4.94 -11.48 -3.83
N LEU B 21 -4.84 -10.44 -4.65
CA LEU B 21 -5.19 -9.11 -4.21
C LEU B 21 -6.65 -8.82 -4.63
N ASP B 22 -7.56 -9.07 -3.71
CA ASP B 22 -8.97 -8.85 -3.97
C ASP B 22 -9.23 -7.34 -4.05
N ARG B 23 -10.35 -7.00 -4.66
CA ARG B 23 -10.73 -5.60 -4.81
C ARG B 23 -11.01 -4.98 -3.44
N ASP B 24 -11.14 -5.85 -2.45
CA ASP B 24 -11.42 -5.40 -1.11
C ASP B 24 -10.39 -6.00 -0.14
N GLN B 25 -9.23 -6.32 -0.70
CA GLN B 25 -8.16 -6.90 0.08
C GLN B 25 -7.02 -5.89 0.26
N CYS B 26 -6.76 -5.56 1.51
CA CYS B 26 -5.71 -4.61 1.83
C CYS B 26 -4.41 -5.08 1.16
N ALA B 27 -3.78 -4.16 0.46
CA ALA B 27 -2.53 -4.47 -0.22
C ALA B 27 -1.36 -3.94 0.61
N TYR B 28 -1.51 -4.04 1.92
CA TYR B 28 -0.47 -3.58 2.82
C TYR B 28 -0.17 -4.63 3.88
N CYS B 29 -1.21 -5.11 4.53
CA CYS B 29 -1.07 -6.12 5.56
C CYS B 29 -1.61 -7.45 5.01
N LYS B 30 -2.47 -7.33 4.02
CA LYS B 30 -3.07 -8.51 3.41
C LYS B 30 -4.35 -8.88 4.15
N GLU B 31 -4.97 -7.86 4.74
CA GLU B 31 -6.20 -8.06 5.47
C GLU B 31 -7.40 -7.59 4.65
N LYS B 32 -8.34 -8.50 4.44
CA LYS B 32 -9.53 -8.19 3.67
C LYS B 32 -10.55 -7.50 4.58
N GLY B 33 -11.16 -6.46 4.06
CA GLY B 33 -12.16 -5.71 4.80
C GLY B 33 -11.85 -4.22 4.78
N HIS B 34 -10.58 -3.91 4.57
CA HIS B 34 -10.15 -2.52 4.53
C HIS B 34 -9.12 -2.34 3.41
N TRP B 35 -9.02 -1.11 2.92
CA TRP B 35 -8.08 -0.80 1.86
C TRP B 35 -6.75 -0.41 2.50
N ALA B 36 -5.71 -0.49 1.69
CA ALA B 36 -4.37 -0.16 2.17
C ALA B 36 -4.35 1.30 2.65
N LYS B 37 -5.13 2.13 1.97
CA LYS B 37 -5.22 3.53 2.31
C LYS B 37 -5.92 3.68 3.66
N ASP B 38 -6.47 2.56 4.13
CA ASP B 38 -7.16 2.56 5.41
C ASP B 38 -6.59 1.46 6.30
N CYS B 39 -5.38 1.04 5.95
CA CYS B 39 -4.71 0.00 6.71
C CYS B 39 -4.43 0.52 8.11
N PRO B 40 -4.79 -0.31 9.13
CA PRO B 40 -4.59 0.06 10.51
C PRO B 40 -3.12 -0.05 10.91
N LYS B 41 -2.30 -0.44 9.93
CA LYS B 41 -0.88 -0.59 10.15
C LYS B 41 -0.16 0.70 9.77
N LYS B 42 -0.85 1.49 8.96
CA LYS B 42 -0.29 2.76 8.51
C LYS B 42 0.18 3.56 9.71
N PRO B 43 1.53 3.63 9.87
CA PRO B 43 2.13 4.36 10.97
C PRO B 43 2.04 5.87 10.74
N ARG B 44 2.28 6.61 11.82
CA ARG B 44 2.23 8.06 11.74
C ARG B 44 2.90 8.55 10.46
N GLY B 45 2.11 9.22 9.64
CA GLY B 45 2.60 9.75 8.38
C GLY B 45 2.02 11.13 8.10
N PRO B 46 2.42 11.70 6.93
CA PRO B 46 3.33 11.00 6.03
C PRO B 46 4.76 11.04 6.58
N ARG B 47 5.46 9.93 6.39
CA ARG B 47 6.83 9.82 6.86
C ARG B 47 7.78 10.50 5.87
N GLY B 48 9.00 10.73 6.33
CA GLY B 48 10.01 11.36 5.50
C GLY B 48 10.75 12.44 6.27
N PRO B 49 11.14 13.52 5.54
CA PRO B 49 11.86 14.63 6.14
C PRO B 49 10.93 15.50 6.99
N ARG B 50 10.58 14.98 8.15
CA ARG B 50 9.69 15.69 9.06
C ARG B 50 10.37 15.89 10.41
N PRO B 51 10.53 17.19 10.79
CA PRO B 51 11.16 17.53 12.05
C PRO B 51 10.21 17.28 13.22
N GLN B 52 10.27 16.07 13.74
CA GLN B 52 9.43 15.69 14.86
C GLN B 52 9.84 14.31 15.40
N THR B 53 10.02 14.26 16.71
CA THR B 53 10.42 13.03 17.36
C THR B 53 11.77 12.54 16.82
N SER B 54 12.54 11.94 17.71
CA SER B 54 13.85 11.44 17.34
C SER B 54 14.24 10.27 18.24
N LEU B 55 14.26 10.54 19.54
CA LEU B 55 14.62 9.52 20.51
C LEU B 55 13.87 9.80 21.82
N LEU B 56 12.57 9.55 21.79
CA LEU B 56 11.74 9.77 22.96
C LEU B 56 11.97 11.18 23.49
N ALA B 1 39.19 -44.96 -2.81
CA ALA B 1 37.97 -44.22 -2.59
C ALA B 1 36.76 -45.14 -2.78
N THR B 2 35.89 -45.13 -1.78
CA THR B 2 34.69 -45.95 -1.82
C THR B 2 33.69 -45.52 -0.75
N VAL B 3 32.60 -44.93 -1.21
CA VAL B 3 31.57 -44.45 -0.29
C VAL B 3 30.36 -43.99 -1.10
N VAL B 4 29.24 -43.86 -0.41
CA VAL B 4 28.01 -43.43 -1.05
C VAL B 4 27.44 -42.22 -0.28
N SER B 5 27.10 -41.19 -1.03
CA SER B 5 26.55 -39.99 -0.44
C SER B 5 26.52 -38.86 -1.48
N GLY B 6 25.48 -38.05 -1.40
CA GLY B 6 25.33 -36.93 -2.32
C GLY B 6 23.86 -36.75 -2.73
N GLN B 7 23.40 -35.52 -2.60
CA GLN B 7 22.03 -35.20 -2.94
C GLN B 7 21.80 -33.69 -2.90
N LYS B 8 20.93 -33.21 -3.78
CA LYS B 8 20.61 -31.80 -3.84
C LYS B 8 19.13 -31.62 -4.16
N GLN B 9 18.68 -30.37 -4.09
CA GLN B 9 17.29 -30.06 -4.37
C GLN B 9 17.21 -28.93 -5.40
N ASP B 10 16.03 -28.79 -5.99
CA ASP B 10 15.81 -27.76 -6.99
C ASP B 10 14.74 -26.78 -6.47
N ARG B 11 15.05 -25.50 -6.60
CA ARG B 11 14.14 -24.46 -6.15
C ARG B 11 13.41 -23.85 -7.34
N GLN B 12 12.17 -23.47 -7.11
CA GLN B 12 11.35 -22.86 -8.15
C GLN B 12 10.58 -21.66 -7.60
N GLY B 13 10.01 -20.90 -8.52
CA GLY B 13 9.24 -19.72 -8.14
C GLY B 13 8.55 -19.10 -9.35
N GLY B 14 7.47 -18.39 -9.08
CA GLY B 14 6.72 -17.74 -10.14
C GLY B 14 5.22 -17.66 -9.78
N GLU B 15 4.85 -16.53 -9.18
CA GLU B 15 3.47 -16.33 -8.78
C GLU B 15 2.95 -15.02 -9.38
N ARG B 16 1.65 -14.82 -9.22
CA ARG B 16 1.01 -13.62 -9.74
C ARG B 16 1.27 -12.43 -8.81
N ARG B 17 1.37 -11.26 -9.40
CA ARG B 17 1.61 -10.04 -8.65
C ARG B 17 0.44 -9.76 -7.71
N ARG B 18 -0.74 -9.64 -8.30
CA ARG B 18 -1.94 -9.37 -7.53
C ARG B 18 -2.56 -10.68 -7.03
N SER B 19 -1.73 -11.47 -6.36
CA SER B 19 -2.18 -12.74 -5.82
C SER B 19 -3.61 -12.62 -5.28
N GLN B 20 -4.56 -13.01 -6.11
CA GLN B 20 -5.96 -12.93 -5.73
C GLN B 20 -6.23 -11.66 -4.92
N LEU B 21 -5.90 -10.53 -5.53
CA LEU B 21 -6.10 -9.25 -4.89
C LEU B 21 -7.58 -8.86 -4.96
N ASP B 22 -8.31 -9.21 -3.91
CA ASP B 22 -9.72 -8.91 -3.85
C ASP B 22 -9.93 -7.39 -3.87
N ARG B 23 -11.00 -6.98 -4.52
CA ARG B 23 -11.32 -5.57 -4.62
C ARG B 23 -11.57 -4.97 -3.22
N ASP B 24 -11.70 -5.87 -2.25
CA ASP B 24 -11.94 -5.45 -0.88
C ASP B 24 -10.81 -5.99 0.01
N GLN B 25 -9.63 -6.07 -0.57
CA GLN B 25 -8.48 -6.56 0.16
C GLN B 25 -7.53 -5.41 0.50
N CYS B 26 -6.48 -5.74 1.24
CA CYS B 26 -5.50 -4.74 1.63
C CYS B 26 -4.14 -5.15 1.07
N ALA B 27 -3.54 -4.22 0.34
CA ALA B 27 -2.24 -4.46 -0.26
C ALA B 27 -1.14 -3.90 0.65
N TYR B 28 -1.40 -3.99 1.95
CA TYR B 28 -0.44 -3.49 2.93
C TYR B 28 -0.14 -4.55 3.98
N CYS B 29 -1.19 -5.06 4.60
CA CYS B 29 -1.04 -6.08 5.62
C CYS B 29 -1.51 -7.42 5.03
N LYS B 30 -2.36 -7.32 4.02
CA LYS B 30 -2.89 -8.50 3.37
C LYS B 30 -4.20 -8.91 4.03
N GLU B 31 -4.86 -7.92 4.62
CA GLU B 31 -6.13 -8.16 5.30
C GLU B 31 -7.29 -7.94 4.34
N LYS B 32 -8.47 -8.40 4.75
CA LYS B 32 -9.65 -8.25 3.93
C LYS B 32 -10.73 -7.52 4.74
N GLY B 33 -11.28 -6.48 4.11
CA GLY B 33 -12.31 -5.69 4.75
C GLY B 33 -11.98 -4.20 4.68
N HIS B 34 -10.69 -3.92 4.63
CA HIS B 34 -10.22 -2.54 4.57
C HIS B 34 -9.23 -2.39 3.42
N TRP B 35 -9.01 -1.15 3.03
CA TRP B 35 -8.08 -0.85 1.95
C TRP B 35 -6.74 -0.46 2.57
N ALA B 36 -5.70 -0.57 1.77
CA ALA B 36 -4.36 -0.23 2.22
C ALA B 36 -4.33 1.24 2.64
N LYS B 37 -5.09 2.05 1.93
CA LYS B 37 -5.17 3.47 2.21
C LYS B 37 -5.88 3.68 3.56
N ASP B 38 -6.43 2.59 4.07
CA ASP B 38 -7.15 2.64 5.33
C ASP B 38 -6.62 1.52 6.24
N CYS B 39 -5.44 1.02 5.90
CA CYS B 39 -4.83 -0.03 6.68
C CYS B 39 -4.64 0.47 8.12
N PRO B 40 -5.07 -0.38 9.09
CA PRO B 40 -4.96 -0.04 10.49
C PRO B 40 -3.51 -0.16 10.97
N LYS B 41 -2.64 -0.53 10.05
CA LYS B 41 -1.23 -0.69 10.35
C LYS B 41 -0.50 0.63 10.04
N LYS B 42 -1.12 1.42 9.20
CA LYS B 42 -0.54 2.70 8.81
C LYS B 42 -0.19 3.50 10.06
N PRO B 43 1.14 3.60 10.32
CA PRO B 43 1.62 4.33 11.48
C PRO B 43 1.52 5.84 11.26
N ARG B 44 1.82 6.58 12.32
CA ARG B 44 1.77 8.03 12.26
C ARG B 44 2.98 8.64 12.97
N GLY B 45 3.37 9.82 12.50
CA GLY B 45 4.50 10.51 13.08
C GLY B 45 5.34 11.20 12.00
N PRO B 46 6.39 11.94 12.46
CA PRO B 46 6.65 12.05 13.89
C PRO B 46 5.64 12.98 14.56
N ARG B 47 5.67 12.98 15.89
CA ARG B 47 4.78 13.81 16.66
C ARG B 47 4.95 15.29 16.29
N GLY B 48 3.86 16.03 16.40
CA GLY B 48 3.88 17.45 16.07
C GLY B 48 2.46 18.03 16.06
N PRO B 49 2.38 19.37 16.24
CA PRO B 49 1.10 20.05 16.25
C PRO B 49 0.55 20.18 14.82
N ARG B 50 -0.60 19.56 14.61
CA ARG B 50 -1.25 19.59 13.31
C ARG B 50 -1.84 20.99 13.06
N PRO B 51 -1.34 21.63 11.96
CA PRO B 51 -1.81 22.96 11.60
C PRO B 51 -3.20 22.89 10.97
N GLN B 52 -3.77 24.07 10.75
CA GLN B 52 -5.09 24.15 10.16
C GLN B 52 -5.12 23.46 8.79
N THR B 53 -6.13 22.61 8.62
CA THR B 53 -6.28 21.88 7.37
C THR B 53 -5.06 20.99 7.13
N SER B 54 -5.32 19.68 7.11
CA SER B 54 -4.25 18.72 6.88
C SER B 54 -3.44 19.10 5.65
N LEU B 55 -2.27 18.50 5.54
CA LEU B 55 -1.38 18.77 4.41
C LEU B 55 -0.63 20.09 4.67
N LEU B 56 -1.36 21.18 4.53
CA LEU B 56 -0.77 22.50 4.73
C LEU B 56 0.32 22.74 3.67
N ALA B 1 10.25 23.47 -7.33
CA ALA B 1 9.22 24.12 -8.14
C ALA B 1 9.87 24.70 -9.40
N THR B 2 10.79 25.61 -9.18
CA THR B 2 11.49 26.25 -10.29
C THR B 2 12.68 25.41 -10.73
N VAL B 3 12.40 24.44 -11.59
CA VAL B 3 13.42 23.55 -12.10
C VAL B 3 13.24 23.39 -13.62
N VAL B 4 13.42 24.49 -14.33
CA VAL B 4 13.28 24.48 -15.78
C VAL B 4 13.93 23.21 -16.33
N SER B 5 13.29 22.64 -17.34
CA SER B 5 13.80 21.44 -17.97
C SER B 5 13.76 20.27 -16.97
N GLY B 6 13.14 19.19 -17.41
CA GLY B 6 13.03 18.00 -16.57
C GLY B 6 12.65 16.77 -17.40
N GLN B 7 13.36 15.68 -17.16
CA GLN B 7 13.10 14.45 -17.87
C GLN B 7 12.33 13.47 -16.97
N LYS B 8 11.07 13.77 -16.77
CA LYS B 8 10.21 12.94 -15.94
C LYS B 8 10.09 11.55 -16.58
N GLN B 9 10.03 10.54 -15.72
CA GLN B 9 9.92 9.17 -16.18
C GLN B 9 8.63 8.53 -15.66
N ASP B 10 7.68 8.35 -16.56
CA ASP B 10 6.41 7.75 -16.20
C ASP B 10 5.83 7.01 -17.41
N ARG B 11 5.46 5.76 -17.17
CA ARG B 11 4.89 4.94 -18.23
C ARG B 11 4.52 3.56 -17.68
N GLN B 12 3.36 3.08 -18.12
CA GLN B 12 2.87 1.78 -17.68
C GLN B 12 2.18 1.06 -18.84
N GLY B 13 2.28 -0.26 -18.81
CA GLY B 13 1.68 -1.08 -19.85
C GLY B 13 2.09 -2.54 -19.70
N GLY B 14 1.10 -3.38 -19.44
CA GLY B 14 1.34 -4.81 -19.26
C GLY B 14 0.14 -5.50 -18.61
N GLU B 15 -0.17 -5.05 -17.40
CA GLU B 15 -1.28 -5.61 -16.66
C GLU B 15 -1.01 -7.08 -16.32
N ARG B 16 -1.56 -7.50 -15.20
CA ARG B 16 -1.38 -8.87 -14.74
C ARG B 16 -2.10 -9.09 -13.40
N ARG B 17 -2.40 -10.35 -13.13
CA ARG B 17 -3.08 -10.71 -11.90
C ARG B 17 -2.33 -10.12 -10.70
N ARG B 18 -3.07 -9.34 -9.92
CA ARG B 18 -2.49 -8.71 -8.74
C ARG B 18 -2.53 -9.69 -7.55
N SER B 19 -1.73 -10.73 -7.67
CA SER B 19 -1.65 -11.73 -6.62
C SER B 19 -3.04 -12.00 -6.05
N GLN B 20 -3.07 -12.37 -4.77
CA GLN B 20 -4.32 -12.64 -4.09
C GLN B 20 -4.89 -11.37 -3.48
N LEU B 21 -4.81 -10.29 -4.25
CA LEU B 21 -5.31 -9.01 -3.80
C LEU B 21 -6.75 -8.82 -4.31
N ASP B 22 -7.68 -8.87 -3.37
CA ASP B 22 -9.08 -8.71 -3.70
C ASP B 22 -9.39 -7.21 -3.85
N ARG B 23 -10.43 -6.94 -4.63
CA ARG B 23 -10.84 -5.57 -4.86
C ARG B 23 -11.31 -4.93 -3.56
N ASP B 24 -11.47 -5.77 -2.55
CA ASP B 24 -11.91 -5.29 -1.24
C ASP B 24 -10.94 -5.79 -0.17
N GLN B 25 -9.68 -5.92 -0.57
CA GLN B 25 -8.65 -6.39 0.35
C GLN B 25 -7.63 -5.27 0.59
N CYS B 26 -6.67 -5.59 1.45
CA CYS B 26 -5.62 -4.63 1.80
C CYS B 26 -4.31 -5.11 1.16
N ALA B 27 -3.67 -4.19 0.47
CA ALA B 27 -2.40 -4.49 -0.18
C ALA B 27 -1.25 -3.95 0.66
N TYR B 28 -1.43 -4.03 1.98
CA TYR B 28 -0.42 -3.56 2.90
C TYR B 28 -0.11 -4.61 3.96
N CYS B 29 -1.17 -5.10 4.59
CA CYS B 29 -1.03 -6.10 5.63
C CYS B 29 -1.55 -7.43 5.08
N LYS B 30 -2.41 -7.33 4.07
CA LYS B 30 -2.97 -8.51 3.45
C LYS B 30 -4.29 -8.86 4.15
N GLU B 31 -4.91 -7.85 4.73
CA GLU B 31 -6.17 -8.03 5.42
C GLU B 31 -7.34 -7.71 4.49
N LYS B 32 -8.35 -8.58 4.54
CA LYS B 32 -9.53 -8.40 3.71
C LYS B 32 -10.59 -7.66 4.52
N GLY B 33 -11.11 -6.59 3.92
CA GLY B 33 -12.13 -5.79 4.56
C GLY B 33 -11.83 -4.30 4.43
N HIS B 34 -10.57 -3.97 4.66
CA HIS B 34 -10.13 -2.58 4.58
C HIS B 34 -9.11 -2.43 3.44
N TRP B 35 -8.98 -1.22 2.96
CA TRP B 35 -8.05 -0.92 1.88
C TRP B 35 -6.72 -0.49 2.51
N ALA B 36 -5.67 -0.57 1.70
CA ALA B 36 -4.35 -0.19 2.17
C ALA B 36 -4.37 1.28 2.60
N LYS B 37 -5.17 2.06 1.89
CA LYS B 37 -5.29 3.48 2.19
C LYS B 37 -5.96 3.65 3.55
N ASP B 38 -6.47 2.55 4.07
CA ASP B 38 -7.14 2.57 5.37
C ASP B 38 -6.56 1.46 6.24
N CYS B 39 -5.34 1.07 5.93
CA CYS B 39 -4.66 0.03 6.69
C CYS B 39 -4.38 0.56 8.10
N PRO B 40 -4.75 -0.27 9.11
CA PRO B 40 -4.55 0.09 10.49
C PRO B 40 -3.07 -0.01 10.88
N LYS B 41 -2.26 -0.41 9.91
CA LYS B 41 -0.84 -0.55 10.14
C LYS B 41 -0.13 0.77 9.78
N LYS B 42 -0.82 1.57 8.99
CA LYS B 42 -0.27 2.85 8.56
C LYS B 42 0.04 3.69 9.79
N PRO B 43 1.36 3.88 10.04
CA PRO B 43 1.82 4.66 11.17
C PRO B 43 1.62 6.16 10.93
N ARG B 44 2.09 6.60 9.77
CA ARG B 44 1.96 8.00 9.39
C ARG B 44 1.15 8.14 8.12
N GLY B 45 0.63 9.34 7.90
CA GLY B 45 -0.17 9.62 6.73
C GLY B 45 -0.65 11.07 6.71
N PRO B 46 -1.33 11.44 5.59
CA PRO B 46 -1.57 10.50 4.51
C PRO B 46 -0.30 10.27 3.70
N ARG B 47 0.47 11.34 3.55
CA ARG B 47 1.72 11.25 2.80
C ARG B 47 1.44 10.89 1.34
N GLY B 48 1.34 11.93 0.52
CA GLY B 48 1.07 11.73 -0.90
C GLY B 48 2.31 12.06 -1.74
N PRO B 49 3.03 10.98 -2.15
CA PRO B 49 4.23 11.14 -2.95
C PRO B 49 3.87 11.49 -4.40
N ARG B 50 4.02 12.76 -4.72
CA ARG B 50 3.72 13.24 -6.05
C ARG B 50 4.89 14.04 -6.62
N PRO B 51 5.76 13.33 -7.39
CA PRO B 51 6.93 13.97 -7.98
C PRO B 51 6.53 14.85 -9.17
N GLN B 52 5.98 16.01 -8.85
CA GLN B 52 5.55 16.94 -9.87
C GLN B 52 4.43 16.33 -10.72
N THR B 53 3.69 17.19 -11.38
CA THR B 53 2.60 16.75 -12.24
C THR B 53 2.11 17.90 -13.12
N SER B 54 1.83 17.56 -14.37
CA SER B 54 1.35 18.54 -15.33
C SER B 54 0.96 17.86 -16.63
N LEU B 55 1.91 17.15 -17.21
CA LEU B 55 1.68 16.44 -18.45
C LEU B 55 1.31 17.45 -19.54
N LEU B 56 2.22 17.64 -20.48
CA LEU B 56 2.00 18.57 -21.57
C LEU B 56 2.07 17.81 -22.90
N ALA B 1 -1.21 41.41 -13.72
CA ALA B 1 -1.72 40.21 -13.10
C ALA B 1 -0.73 39.07 -13.28
N THR B 2 -0.99 37.96 -12.59
CA THR B 2 -0.13 36.80 -12.66
C THR B 2 -0.81 35.59 -12.03
N VAL B 3 -0.82 34.50 -12.79
CA VAL B 3 -1.44 33.27 -12.33
C VAL B 3 -0.58 32.07 -12.74
N VAL B 4 -0.47 31.13 -11.82
CA VAL B 4 0.33 29.93 -12.07
C VAL B 4 -0.32 28.74 -11.38
N SER B 5 -0.47 27.67 -12.14
CA SER B 5 -1.07 26.45 -11.62
C SER B 5 -1.13 25.38 -12.70
N GLY B 6 -0.48 24.26 -12.43
CA GLY B 6 -0.45 23.15 -13.37
C GLY B 6 -0.75 21.83 -12.67
N GLN B 7 -0.20 20.77 -13.22
CA GLN B 7 -0.41 19.44 -12.67
C GLN B 7 0.38 18.40 -13.47
N LYS B 8 0.63 17.26 -12.83
CA LYS B 8 1.36 16.19 -13.48
C LYS B 8 1.07 14.87 -12.75
N GLN B 9 -0.19 14.45 -12.84
CA GLN B 9 -0.61 13.22 -12.22
C GLN B 9 -0.76 12.11 -13.25
N ASP B 10 -0.12 10.98 -12.97
CA ASP B 10 -0.20 9.85 -13.88
C ASP B 10 0.60 8.68 -13.28
N ARG B 11 -0.13 7.73 -12.71
CA ARG B 11 0.48 6.57 -12.10
C ARG B 11 1.03 5.64 -13.18
N GLN B 12 0.14 5.22 -14.06
CA GLN B 12 0.51 4.32 -15.15
C GLN B 12 1.41 3.20 -14.62
N GLY B 13 0.78 2.25 -13.93
CA GLY B 13 1.51 1.13 -13.37
C GLY B 13 1.36 -0.11 -14.25
N GLY B 14 1.39 -1.26 -13.61
CA GLY B 14 1.27 -2.53 -14.31
C GLY B 14 -0.19 -2.87 -14.56
N GLU B 15 -0.43 -3.61 -15.65
CA GLU B 15 -1.78 -4.00 -16.01
C GLU B 15 -2.07 -5.41 -15.47
N ARG B 16 -3.25 -5.54 -14.87
CA ARG B 16 -3.66 -6.83 -14.33
C ARG B 16 -2.55 -7.42 -13.46
N ARG B 17 -2.53 -7.01 -12.20
CA ARG B 17 -1.53 -7.49 -11.27
C ARG B 17 -1.91 -7.13 -9.84
N ARG B 18 -2.39 -8.14 -9.12
CA ARG B 18 -2.80 -7.94 -7.74
C ARG B 18 -2.49 -9.19 -6.91
N SER B 19 -1.22 -9.35 -6.57
CA SER B 19 -0.78 -10.48 -5.79
C SER B 19 -1.81 -10.79 -4.70
N GLN B 20 -2.68 -11.75 -5.00
CA GLN B 20 -3.71 -12.16 -4.06
C GLN B 20 -4.27 -10.93 -3.33
N LEU B 21 -4.73 -9.97 -4.12
CA LEU B 21 -5.30 -8.75 -3.56
C LEU B 21 -6.68 -8.51 -4.17
N ASP B 22 -7.70 -8.86 -3.40
CA ASP B 22 -9.07 -8.69 -3.85
C ASP B 22 -9.40 -7.19 -3.90
N ARG B 23 -10.45 -6.87 -4.64
CA ARG B 23 -10.87 -5.49 -4.78
C ARG B 23 -11.36 -4.95 -3.43
N ASP B 24 -11.49 -5.85 -2.49
CA ASP B 24 -11.94 -5.48 -1.15
C ASP B 24 -10.93 -5.98 -0.11
N GLN B 25 -9.68 -6.05 -0.55
CA GLN B 25 -8.61 -6.50 0.33
C GLN B 25 -7.62 -5.37 0.59
N CYS B 26 -6.60 -5.68 1.36
CA CYS B 26 -5.57 -4.70 1.70
C CYS B 26 -4.26 -5.14 1.05
N ALA B 27 -3.58 -4.18 0.44
CA ALA B 27 -2.32 -4.44 -0.22
C ALA B 27 -1.17 -3.91 0.65
N TYR B 28 -1.35 -4.05 1.95
CA TYR B 28 -0.34 -3.58 2.89
C TYR B 28 -0.06 -4.64 3.96
N CYS B 29 -1.13 -5.07 4.63
CA CYS B 29 -1.00 -6.07 5.67
C CYS B 29 -1.42 -7.42 5.08
N LYS B 30 -2.32 -7.36 4.12
CA LYS B 30 -2.81 -8.56 3.47
C LYS B 30 -4.13 -8.98 4.12
N GLU B 31 -4.85 -7.99 4.64
CA GLU B 31 -6.12 -8.24 5.28
C GLU B 31 -7.26 -8.05 4.28
N LYS B 32 -8.46 -8.40 4.73
CA LYS B 32 -9.64 -8.27 3.89
C LYS B 32 -10.73 -7.51 4.65
N GLY B 33 -11.26 -6.49 4.01
CA GLY B 33 -12.30 -5.67 4.61
C GLY B 33 -11.97 -4.19 4.51
N HIS B 34 -10.68 -3.90 4.63
CA HIS B 34 -10.21 -2.53 4.56
C HIS B 34 -9.20 -2.39 3.41
N TRP B 35 -9.01 -1.15 2.98
CA TRP B 35 -8.08 -0.87 1.90
C TRP B 35 -6.74 -0.44 2.52
N ALA B 36 -5.70 -0.52 1.71
CA ALA B 36 -4.38 -0.14 2.16
C ALA B 36 -4.39 1.32 2.61
N LYS B 37 -5.16 2.12 1.89
CA LYS B 37 -5.28 3.53 2.21
C LYS B 37 -5.93 3.70 3.58
N ASP B 38 -6.48 2.59 4.07
CA ASP B 38 -7.14 2.60 5.37
C ASP B 38 -6.61 1.43 6.20
N CYS B 39 -5.37 1.07 5.95
CA CYS B 39 -4.74 -0.03 6.66
C CYS B 39 -4.51 0.42 8.12
N PRO B 40 -4.99 -0.44 9.06
CA PRO B 40 -4.85 -0.16 10.47
C PRO B 40 -3.40 -0.39 10.94
N LYS B 41 -2.57 -0.78 9.99
CA LYS B 41 -1.17 -1.04 10.29
C LYS B 41 -0.31 0.04 9.64
N LYS B 42 -0.98 1.08 9.17
CA LYS B 42 -0.28 2.18 8.52
C LYS B 42 0.28 3.13 9.59
N PRO B 43 1.38 3.84 9.21
CA PRO B 43 2.02 4.77 10.11
C PRO B 43 1.20 6.06 10.26
N ARG B 44 0.88 6.65 9.12
CA ARG B 44 0.10 7.88 9.10
C ARG B 44 0.89 9.01 9.74
N GLY B 45 0.74 10.19 9.16
CA GLY B 45 1.43 11.37 9.67
C GLY B 45 2.89 11.39 9.20
N PRO B 46 3.62 12.45 9.65
CA PRO B 46 3.03 13.46 10.50
C PRO B 46 2.12 14.39 9.69
N ARG B 47 2.61 14.77 8.52
CA ARG B 47 1.85 15.65 7.65
C ARG B 47 2.37 15.54 6.21
N GLY B 48 1.54 16.00 5.28
CA GLY B 48 1.89 15.96 3.88
C GLY B 48 1.39 14.68 3.22
N PRO B 49 0.21 14.80 2.55
CA PRO B 49 -0.39 13.67 1.87
C PRO B 49 0.36 13.35 0.57
N ARG B 50 1.26 12.39 0.67
CA ARG B 50 2.04 11.98 -0.49
C ARG B 50 2.48 13.20 -1.30
N PRO B 51 3.66 13.74 -0.91
CA PRO B 51 4.20 14.91 -1.59
C PRO B 51 4.77 14.54 -2.96
N GLN B 52 3.90 13.96 -3.79
CA GLN B 52 4.30 13.56 -5.13
C GLN B 52 5.52 12.64 -5.06
N THR B 53 5.85 12.05 -6.20
CA THR B 53 6.99 11.14 -6.28
C THR B 53 8.14 11.81 -7.03
N SER B 54 9.34 11.48 -6.60
CA SER B 54 10.54 12.03 -7.21
C SER B 54 10.88 11.26 -8.49
N LEU B 55 11.13 9.97 -8.32
CA LEU B 55 11.47 9.12 -9.44
C LEU B 55 12.79 9.58 -10.05
N LEU B 56 13.86 8.98 -9.58
CA LEU B 56 15.20 9.32 -10.07
C LEU B 56 15.99 8.03 -10.32
N ALA B 1 -42.44 -25.49 -12.39
CA ALA B 1 -41.12 -25.38 -11.78
C ALA B 1 -40.07 -25.21 -12.87
N THR B 2 -40.04 -24.01 -13.44
CA THR B 2 -39.09 -23.71 -14.50
C THR B 2 -37.66 -23.83 -13.97
N VAL B 3 -36.78 -24.34 -14.82
CA VAL B 3 -35.39 -24.51 -14.46
C VAL B 3 -34.51 -24.18 -15.67
N VAL B 4 -33.40 -23.50 -15.39
CA VAL B 4 -32.47 -23.11 -16.43
C VAL B 4 -31.23 -22.47 -15.80
N SER B 5 -30.10 -22.69 -16.45
CA SER B 5 -28.84 -22.15 -15.97
C SER B 5 -27.80 -22.15 -17.08
N GLY B 6 -26.80 -21.30 -16.92
CA GLY B 6 -25.74 -21.19 -17.91
C GLY B 6 -24.40 -20.90 -17.24
N GLN B 7 -23.36 -21.52 -17.78
CA GLN B 7 -22.02 -21.33 -17.24
C GLN B 7 -21.39 -20.08 -17.83
N LYS B 8 -20.69 -19.34 -16.97
CA LYS B 8 -20.03 -18.11 -17.39
C LYS B 8 -18.54 -18.38 -17.59
N GLN B 9 -17.91 -17.53 -18.38
CA GLN B 9 -16.50 -17.67 -18.66
C GLN B 9 -15.67 -16.91 -17.61
N ASP B 10 -14.52 -17.46 -17.29
CA ASP B 10 -13.64 -16.86 -16.31
C ASP B 10 -12.56 -16.05 -17.04
N ARG B 11 -12.52 -14.76 -16.71
CA ARG B 11 -11.56 -13.86 -17.32
C ARG B 11 -10.21 -13.95 -16.58
N GLN B 12 -9.16 -14.10 -17.35
CA GLN B 12 -7.82 -14.19 -16.78
C GLN B 12 -7.14 -12.82 -16.80
N GLY B 13 -6.04 -12.73 -16.06
CA GLY B 13 -5.30 -11.49 -15.98
C GLY B 13 -4.68 -11.13 -17.33
N GLY B 14 -3.55 -11.76 -17.61
CA GLY B 14 -2.85 -11.52 -18.87
C GLY B 14 -1.34 -11.44 -18.65
N GLU B 15 -0.91 -10.32 -18.10
CA GLU B 15 0.50 -10.10 -17.82
C GLU B 15 0.73 -9.88 -16.33
N ARG B 16 0.08 -8.84 -15.81
CA ARG B 16 0.20 -8.52 -14.40
C ARG B 16 -1.03 -9.00 -13.63
N ARG B 17 -0.77 -9.78 -12.60
CA ARG B 17 -1.85 -10.32 -11.77
C ARG B 17 -1.75 -9.77 -10.36
N ARG B 18 -2.92 -9.50 -9.78
CA ARG B 18 -2.98 -8.98 -8.43
C ARG B 18 -2.55 -10.05 -7.42
N SER B 19 -1.26 -10.06 -7.12
CA SER B 19 -0.72 -11.02 -6.18
C SER B 19 -1.64 -11.12 -4.96
N GLN B 20 -2.51 -12.12 -5.00
CA GLN B 20 -3.44 -12.35 -3.91
C GLN B 20 -3.94 -11.01 -3.36
N LEU B 21 -4.35 -10.15 -4.27
CA LEU B 21 -4.85 -8.84 -3.89
C LEU B 21 -6.24 -8.64 -4.50
N ASP B 22 -7.25 -8.80 -3.65
CA ASP B 22 -8.63 -8.63 -4.09
C ASP B 22 -8.98 -7.14 -4.14
N ARG B 23 -10.07 -6.84 -4.81
CA ARG B 23 -10.52 -5.47 -4.94
C ARG B 23 -10.97 -4.93 -3.58
N ASP B 24 -11.02 -5.83 -2.61
CA ASP B 24 -11.43 -5.45 -1.27
C ASP B 24 -10.44 -6.03 -0.26
N GLN B 25 -9.24 -6.30 -0.75
CA GLN B 25 -8.19 -6.84 0.10
C GLN B 25 -7.06 -5.83 0.27
N CYS B 26 -6.75 -5.53 1.53
CA CYS B 26 -5.71 -4.58 1.84
C CYS B 26 -4.41 -5.06 1.18
N ALA B 27 -3.77 -4.14 0.46
CA ALA B 27 -2.53 -4.47 -0.23
C ALA B 27 -1.35 -3.95 0.60
N TYR B 28 -1.51 -4.03 1.90
CA TYR B 28 -0.47 -3.58 2.81
C TYR B 28 -0.15 -4.64 3.87
N CYS B 29 -1.20 -5.10 4.52
CA CYS B 29 -1.05 -6.13 5.56
C CYS B 29 -1.62 -7.44 5.01
N LYS B 30 -2.50 -7.31 4.04
CA LYS B 30 -3.11 -8.49 3.42
C LYS B 30 -4.40 -8.83 4.18
N GLU B 31 -4.99 -7.81 4.77
CA GLU B 31 -6.23 -7.99 5.52
C GLU B 31 -7.43 -7.58 4.68
N LYS B 32 -8.33 -8.52 4.48
CA LYS B 32 -9.53 -8.27 3.69
C LYS B 32 -10.55 -7.53 4.55
N GLY B 33 -11.16 -6.52 3.95
CA GLY B 33 -12.15 -5.72 4.65
C GLY B 33 -11.84 -4.22 4.54
N HIS B 34 -10.56 -3.91 4.70
CA HIS B 34 -10.12 -2.52 4.63
C HIS B 34 -9.10 -2.38 3.49
N TRP B 35 -8.99 -1.16 2.99
CA TRP B 35 -8.07 -0.87 1.91
C TRP B 35 -6.73 -0.45 2.53
N ALA B 36 -5.69 -0.52 1.72
CA ALA B 36 -4.36 -0.15 2.17
C ALA B 36 -4.37 1.31 2.63
N LYS B 37 -5.17 2.11 1.94
CA LYS B 37 -5.28 3.52 2.27
C LYS B 37 -5.95 3.67 3.64
N ASP B 38 -6.48 2.56 4.12
CA ASP B 38 -7.15 2.55 5.41
C ASP B 38 -6.56 1.43 6.29
N CYS B 39 -5.33 1.06 5.96
CA CYS B 39 -4.66 0.01 6.71
C CYS B 39 -4.36 0.54 8.11
N PRO B 40 -4.78 -0.27 9.12
CA PRO B 40 -4.56 0.11 10.52
C PRO B 40 -3.10 -0.10 10.92
N LYS B 41 -2.39 -0.84 10.07
CA LYS B 41 -0.98 -1.12 10.32
C LYS B 41 -0.15 0.12 9.96
N LYS B 42 -0.79 1.05 9.29
CA LYS B 42 -0.13 2.27 8.88
C LYS B 42 0.17 3.12 10.11
N PRO B 43 1.48 3.28 10.40
CA PRO B 43 1.91 4.05 11.55
C PRO B 43 1.77 5.56 11.28
N ARG B 44 0.52 5.98 11.14
CA ARG B 44 0.23 7.38 10.88
C ARG B 44 -1.12 7.77 11.50
N GLY B 45 -1.09 8.83 12.30
CA GLY B 45 -2.28 9.31 12.95
C GLY B 45 -1.94 10.29 14.08
N PRO B 46 -3.01 10.79 14.75
CA PRO B 46 -4.37 10.42 14.38
C PRO B 46 -4.80 11.11 13.09
N ARG B 47 -4.59 12.42 13.06
CA ARG B 47 -4.95 13.21 11.90
C ARG B 47 -4.70 14.70 12.17
N GLY B 48 -4.50 15.44 11.08
CA GLY B 48 -4.26 16.86 11.19
C GLY B 48 -2.91 17.24 10.55
N PRO B 49 -2.84 18.51 10.08
CA PRO B 49 -1.63 19.00 9.45
C PRO B 49 -0.54 19.28 10.50
N ARG B 50 0.51 18.49 10.43
CA ARG B 50 1.62 18.65 11.36
C ARG B 50 2.95 18.30 10.68
N PRO B 51 3.63 19.36 10.17
CA PRO B 51 4.90 19.17 9.49
C PRO B 51 6.02 18.89 10.49
N GLN B 52 6.00 17.69 11.03
CA GLN B 52 7.00 17.28 11.99
C GLN B 52 6.96 18.20 13.22
N THR B 53 6.19 17.78 14.21
CA THR B 53 6.07 18.56 15.44
C THR B 53 6.93 17.95 16.55
N SER B 54 7.19 18.77 17.55
CA SER B 54 8.00 18.32 18.68
C SER B 54 7.56 19.04 19.95
N LEU B 55 7.74 18.35 21.08
CA LEU B 55 7.36 18.90 22.37
C LEU B 55 5.84 19.03 22.43
N LEU B 56 5.23 18.13 23.19
CA LEU B 56 3.79 18.13 23.35
C LEU B 56 3.36 19.38 24.14
N ALA B 1 26.54 -35.23 20.75
CA ALA B 1 25.50 -35.39 19.74
C ALA B 1 25.81 -34.48 18.55
N THR B 2 24.79 -34.23 17.75
CA THR B 2 24.94 -33.38 16.59
C THR B 2 23.79 -32.37 16.52
N VAL B 3 22.58 -32.88 16.57
CA VAL B 3 21.40 -32.03 16.50
C VAL B 3 21.37 -31.29 15.17
N VAL B 4 20.20 -31.31 14.55
CA VAL B 4 20.02 -30.64 13.27
C VAL B 4 18.64 -30.01 13.21
N SER B 5 18.57 -28.87 12.54
CA SER B 5 17.32 -28.15 12.41
C SER B 5 17.44 -27.07 11.34
N GLY B 6 16.52 -27.12 10.38
CA GLY B 6 16.52 -26.15 9.29
C GLY B 6 15.26 -26.29 8.44
N GLN B 7 14.99 -25.25 7.66
CA GLN B 7 13.81 -25.24 6.81
C GLN B 7 13.85 -24.02 5.88
N LYS B 8 14.04 -24.31 4.60
CA LYS B 8 14.10 -23.25 3.60
C LYS B 8 13.16 -23.59 2.44
N GLN B 9 12.07 -22.85 2.36
CA GLN B 9 11.09 -23.07 1.32
C GLN B 9 10.70 -21.73 0.67
N ASP B 10 10.01 -21.83 -0.46
CA ASP B 10 9.58 -20.66 -1.17
C ASP B 10 8.63 -21.07 -2.30
N ARG B 11 7.33 -20.97 -2.00
CA ARG B 11 6.32 -21.33 -2.97
C ARG B 11 5.61 -20.07 -3.48
N GLN B 12 6.00 -19.65 -4.68
CA GLN B 12 5.41 -18.48 -5.29
C GLN B 12 4.92 -18.80 -6.70
N GLY B 13 3.65 -18.49 -6.93
CA GLY B 13 3.04 -18.75 -8.23
C GLY B 13 3.92 -18.21 -9.35
N GLY B 14 4.10 -16.89 -9.35
CA GLY B 14 4.90 -16.24 -10.36
C GLY B 14 4.91 -14.72 -10.16
N GLU B 15 3.79 -14.11 -10.50
CA GLU B 15 3.65 -12.67 -10.37
C GLU B 15 4.12 -12.22 -8.99
N ARG B 16 3.41 -12.68 -7.97
CA ARG B 16 3.74 -12.34 -6.60
C ARG B 16 3.59 -10.83 -6.38
N ARG B 17 2.36 -10.43 -6.09
CA ARG B 17 2.07 -9.03 -5.86
C ARG B 17 0.59 -8.84 -5.53
N ARG B 18 -0.25 -9.41 -6.39
CA ARG B 18 -1.69 -9.31 -6.22
C ARG B 18 -2.35 -10.65 -6.56
N SER B 19 -1.60 -11.72 -6.37
CA SER B 19 -2.10 -13.06 -6.64
C SER B 19 -3.56 -13.16 -6.22
N GLN B 20 -3.77 -13.12 -4.90
CA GLN B 20 -5.12 -13.22 -4.36
C GLN B 20 -5.56 -11.86 -3.82
N LEU B 21 -5.31 -10.83 -4.62
CA LEU B 21 -5.68 -9.47 -4.25
C LEU B 21 -7.15 -9.24 -4.59
N ASP B 22 -7.95 -9.08 -3.54
CA ASP B 22 -9.38 -8.84 -3.72
C ASP B 22 -9.62 -7.34 -3.83
N ARG B 23 -10.70 -7.01 -4.54
CA ARG B 23 -11.06 -5.61 -4.73
C ARG B 23 -11.46 -4.98 -3.40
N ASP B 24 -11.59 -5.82 -2.39
CA ASP B 24 -11.97 -5.37 -1.07
C ASP B 24 -10.93 -5.86 -0.05
N GLN B 25 -9.70 -6.03 -0.53
CA GLN B 25 -8.62 -6.48 0.32
C GLN B 25 -7.65 -5.33 0.60
N CYS B 26 -6.58 -5.67 1.30
CA CYS B 26 -5.57 -4.67 1.64
C CYS B 26 -4.24 -5.09 0.99
N ALA B 27 -3.55 -4.09 0.45
CA ALA B 27 -2.28 -4.34 -0.22
C ALA B 27 -1.15 -3.81 0.66
N TYR B 28 -1.30 -4.03 1.97
CA TYR B 28 -0.31 -3.59 2.93
C TYR B 28 -0.03 -4.67 3.97
N CYS B 29 -1.11 -5.15 4.57
CA CYS B 29 -0.99 -6.18 5.59
C CYS B 29 -1.56 -7.48 5.02
N LYS B 30 -2.40 -7.33 4.01
CA LYS B 30 -3.02 -8.47 3.37
C LYS B 30 -4.35 -8.79 4.06
N GLU B 31 -4.92 -7.77 4.68
CA GLU B 31 -6.18 -7.92 5.38
C GLU B 31 -7.35 -7.83 4.39
N LYS B 32 -8.46 -8.43 4.80
CA LYS B 32 -9.65 -8.43 3.96
C LYS B 32 -10.76 -7.65 4.66
N GLY B 33 -11.16 -6.55 4.04
CA GLY B 33 -12.21 -5.71 4.59
C GLY B 33 -11.85 -4.23 4.46
N HIS B 34 -10.58 -3.93 4.71
CA HIS B 34 -10.11 -2.56 4.62
C HIS B 34 -9.10 -2.45 3.47
N TRP B 35 -8.91 -1.22 3.01
CA TRP B 35 -7.99 -0.96 1.93
C TRP B 35 -6.65 -0.52 2.53
N ALA B 36 -5.61 -0.57 1.72
CA ALA B 36 -4.29 -0.18 2.16
C ALA B 36 -4.32 1.27 2.65
N LYS B 37 -5.07 2.09 1.93
CA LYS B 37 -5.19 3.49 2.28
C LYS B 37 -5.97 3.62 3.59
N ASP B 38 -6.54 2.49 4.01
CA ASP B 38 -7.31 2.46 5.25
C ASP B 38 -6.74 1.38 6.17
N CYS B 39 -5.49 1.02 5.90
CA CYS B 39 -4.83 0.00 6.70
C CYS B 39 -4.49 0.61 8.06
N PRO B 40 -4.94 -0.10 9.14
CA PRO B 40 -4.68 0.36 10.49
C PRO B 40 -3.23 0.11 10.89
N LYS B 41 -2.48 -0.46 9.96
CA LYS B 41 -1.07 -0.75 10.20
C LYS B 41 -0.24 0.50 9.90
N LYS B 42 -0.84 1.40 9.14
CA LYS B 42 -0.15 2.63 8.76
C LYS B 42 0.03 3.49 10.01
N PRO B 43 1.32 3.66 10.40
CA PRO B 43 1.66 4.46 11.58
C PRO B 43 1.52 5.95 11.27
N ARG B 44 0.30 6.34 10.89
CA ARG B 44 0.04 7.73 10.57
C ARG B 44 -0.40 8.48 11.82
N GLY B 45 -0.24 9.80 11.76
CA GLY B 45 -0.61 10.65 12.89
C GLY B 45 -2.08 11.05 12.82
N PRO B 46 -2.51 11.86 13.81
CA PRO B 46 -1.60 12.30 14.86
C PRO B 46 -1.32 11.17 15.85
N ARG B 47 -2.39 10.53 16.30
CA ARG B 47 -2.28 9.44 17.24
C ARG B 47 -1.07 8.56 16.90
N GLY B 48 -0.40 8.10 17.94
CA GLY B 48 0.77 7.25 17.76
C GLY B 48 1.92 7.72 18.63
N PRO B 49 3.06 8.06 17.95
CA PRO B 49 4.25 8.52 18.66
C PRO B 49 4.07 9.97 19.14
N ARG B 50 3.54 10.10 20.34
CA ARG B 50 3.31 11.41 20.91
C ARG B 50 3.36 11.34 22.44
N PRO B 51 4.58 11.02 22.96
CA PRO B 51 4.78 10.92 24.40
C PRO B 51 4.83 12.30 25.04
N GLN B 52 3.66 12.78 25.43
CA GLN B 52 3.56 14.09 26.06
C GLN B 52 2.26 14.18 26.87
N THR B 53 2.33 14.94 27.95
CA THR B 53 1.18 15.11 28.82
C THR B 53 0.13 16.00 28.13
N SER B 54 -1.13 15.67 28.37
CA SER B 54 -2.22 16.43 27.78
C SER B 54 -3.55 15.99 28.41
N LEU B 55 -3.79 16.51 29.62
CA LEU B 55 -5.01 16.19 30.33
C LEU B 55 -5.12 17.08 31.56
N LEU B 56 -5.51 18.33 31.32
CA LEU B 56 -5.66 19.29 32.40
C LEU B 56 -6.84 20.20 32.10
N ALA B 1 45.57 -0.86 -16.35
CA ALA B 1 44.21 -0.64 -15.90
C ALA B 1 43.35 -1.86 -16.24
N THR B 2 42.87 -2.52 -15.19
CA THR B 2 42.05 -3.70 -15.36
C THR B 2 40.67 -3.48 -14.75
N VAL B 3 39.68 -4.12 -15.35
CA VAL B 3 38.31 -4.01 -14.88
C VAL B 3 37.42 -4.99 -15.63
N VAL B 4 36.77 -5.86 -14.87
CA VAL B 4 35.89 -6.86 -15.46
C VAL B 4 34.43 -6.48 -15.18
N SER B 5 33.73 -6.16 -16.25
CA SER B 5 32.33 -5.78 -16.13
C SER B 5 31.48 -6.63 -17.07
N GLY B 6 30.33 -7.06 -16.55
CA GLY B 6 29.41 -7.88 -17.34
C GLY B 6 28.26 -8.38 -16.46
N GLN B 7 27.13 -7.71 -16.60
CA GLN B 7 25.95 -8.08 -15.84
C GLN B 7 24.67 -7.80 -16.65
N LYS B 8 23.57 -8.34 -16.16
CA LYS B 8 22.29 -8.16 -16.83
C LYS B 8 21.24 -7.72 -15.81
N GLN B 9 20.97 -8.60 -14.87
CA GLN B 9 20.00 -8.31 -13.82
C GLN B 9 18.61 -8.14 -14.44
N ASP B 10 17.96 -9.26 -14.71
CA ASP B 10 16.63 -9.25 -15.30
C ASP B 10 15.70 -8.42 -14.40
N ARG B 11 15.22 -7.31 -14.97
CA ARG B 11 14.32 -6.44 -14.24
C ARG B 11 13.00 -7.16 -13.95
N GLN B 12 12.84 -7.55 -12.69
CA GLN B 12 11.63 -8.25 -12.28
C GLN B 12 11.47 -9.55 -13.05
N GLY B 13 10.68 -10.44 -12.49
CA GLY B 13 10.43 -11.73 -13.12
C GLY B 13 9.09 -12.32 -12.66
N GLY B 14 8.02 -11.81 -13.27
CA GLY B 14 6.69 -12.27 -12.94
C GLY B 14 5.62 -11.33 -13.50
N GLU B 15 4.81 -10.79 -12.61
CA GLU B 15 3.76 -9.88 -13.00
C GLU B 15 3.15 -9.19 -11.77
N ARG B 16 2.85 -7.91 -11.94
CA ARG B 16 2.26 -7.14 -10.85
C ARG B 16 0.91 -6.58 -11.28
N ARG B 17 -0.05 -6.68 -10.37
CA ARG B 17 -1.39 -6.18 -10.63
C ARG B 17 -2.23 -6.24 -9.36
N ARG B 18 -2.52 -7.45 -8.93
CA ARG B 18 -3.32 -7.65 -7.73
C ARG B 18 -2.72 -8.77 -6.87
N SER B 19 -2.37 -9.86 -7.53
CA SER B 19 -1.78 -11.00 -6.85
C SER B 19 -2.72 -11.48 -5.75
N GLN B 20 -3.98 -11.69 -6.13
CA GLN B 20 -4.97 -12.15 -5.19
C GLN B 20 -5.54 -10.97 -4.39
N LEU B 21 -5.00 -9.79 -4.68
CA LEU B 21 -5.45 -8.58 -4.00
C LEU B 21 -6.88 -8.27 -4.42
N ASP B 22 -7.82 -8.89 -3.71
CA ASP B 22 -9.23 -8.68 -4.00
C ASP B 22 -9.54 -7.18 -3.98
N ARG B 23 -10.63 -6.82 -4.63
CA ARG B 23 -11.04 -5.43 -4.70
C ARG B 23 -11.47 -4.94 -3.32
N ASP B 24 -11.54 -5.88 -2.38
CA ASP B 24 -11.94 -5.55 -1.03
C ASP B 24 -10.87 -6.04 -0.05
N GLN B 25 -9.64 -6.13 -0.56
CA GLN B 25 -8.53 -6.58 0.24
C GLN B 25 -7.56 -5.42 0.50
N CYS B 26 -6.55 -5.71 1.31
CA CYS B 26 -5.56 -4.70 1.65
C CYS B 26 -4.23 -5.11 1.01
N ALA B 27 -3.58 -4.13 0.39
CA ALA B 27 -2.31 -4.38 -0.26
C ALA B 27 -1.18 -3.84 0.62
N TYR B 28 -1.35 -4.04 1.92
CA TYR B 28 -0.35 -3.58 2.88
C TYR B 28 -0.07 -4.66 3.92
N CYS B 29 -1.13 -5.14 4.55
CA CYS B 29 -1.00 -6.16 5.56
C CYS B 29 -1.58 -7.46 5.00
N LYS B 30 -2.43 -7.31 3.99
CA LYS B 30 -3.05 -8.46 3.36
C LYS B 30 -4.37 -8.77 4.06
N GLU B 31 -4.92 -7.74 4.70
CA GLU B 31 -6.18 -7.89 5.41
C GLU B 31 -7.35 -7.82 4.43
N LYS B 32 -8.46 -8.42 4.84
CA LYS B 32 -9.65 -8.44 4.02
C LYS B 32 -10.75 -7.64 4.70
N GLY B 33 -11.15 -6.56 4.05
CA GLY B 33 -12.19 -5.69 4.60
C GLY B 33 -11.83 -4.22 4.41
N HIS B 34 -10.60 -3.89 4.77
CA HIS B 34 -10.12 -2.52 4.66
C HIS B 34 -9.15 -2.43 3.49
N TRP B 35 -8.87 -1.19 3.08
CA TRP B 35 -7.96 -0.94 1.99
C TRP B 35 -6.62 -0.50 2.58
N ALA B 36 -5.60 -0.52 1.73
CA ALA B 36 -4.27 -0.13 2.16
C ALA B 36 -4.31 1.29 2.73
N LYS B 37 -4.95 2.17 1.97
CA LYS B 37 -5.08 3.55 2.39
C LYS B 37 -5.90 3.62 3.68
N ASP B 38 -6.55 2.51 3.99
CA ASP B 38 -7.37 2.43 5.18
C ASP B 38 -6.80 1.36 6.12
N CYS B 39 -5.56 0.99 5.85
CA CYS B 39 -4.88 -0.01 6.66
C CYS B 39 -4.61 0.59 8.04
N PRO B 40 -5.12 -0.10 9.08
CA PRO B 40 -4.94 0.35 10.46
C PRO B 40 -3.51 0.08 10.93
N LYS B 41 -2.73 -0.51 10.04
CA LYS B 41 -1.35 -0.84 10.36
C LYS B 41 -0.47 0.38 10.09
N LYS B 42 -1.00 1.28 9.28
CA LYS B 42 -0.27 2.49 8.93
C LYS B 42 -0.05 3.33 10.20
N PRO B 43 1.24 3.44 10.61
CA PRO B 43 1.60 4.20 11.79
C PRO B 43 1.54 5.70 11.50
N ARG B 44 2.36 6.12 10.55
CA ARG B 44 2.41 7.53 10.18
C ARG B 44 3.22 7.70 8.89
N GLY B 45 2.73 8.59 8.05
CA GLY B 45 3.40 8.86 6.78
C GLY B 45 3.59 10.37 6.57
N PRO B 46 4.28 10.72 5.45
CA PRO B 46 4.80 9.71 4.55
C PRO B 46 6.03 9.02 5.14
N ARG B 47 6.82 9.81 5.85
CA ARG B 47 8.03 9.29 6.47
C ARG B 47 8.31 10.03 7.78
N GLY B 48 7.78 9.48 8.87
CA GLY B 48 7.96 10.08 10.17
C GLY B 48 9.44 10.13 10.55
N PRO B 49 9.77 11.06 11.48
CA PRO B 49 11.14 11.22 11.93
C PRO B 49 11.54 10.09 12.88
N ARG B 50 12.85 10.00 13.11
CA ARG B 50 13.37 8.97 13.99
C ARG B 50 14.86 9.23 14.29
N PRO B 51 15.10 9.93 15.44
CA PRO B 51 16.45 10.24 15.85
C PRO B 51 17.17 9.02 16.40
N GLN B 52 18.43 8.89 16.03
CA GLN B 52 19.24 7.77 16.50
C GLN B 52 20.71 8.02 16.20
N THR B 53 21.51 7.98 17.26
CA THR B 53 22.94 8.20 17.13
C THR B 53 23.71 7.05 17.78
N SER B 54 24.91 6.82 17.26
CA SER B 54 25.76 5.76 17.78
C SER B 54 27.23 6.12 17.56
N LEU B 55 28.07 5.51 18.38
CA LEU B 55 29.51 5.76 18.30
C LEU B 55 30.12 4.78 17.30
N LEU B 56 31.30 5.15 16.81
CA LEU B 56 32.01 4.32 15.84
C LEU B 56 33.12 3.55 16.56
N ALA B 1 -18.77 27.73 -2.70
CA ALA B 1 -18.52 26.43 -3.29
C ALA B 1 -17.98 26.59 -4.71
N THR B 2 -16.77 26.11 -4.91
CA THR B 2 -16.14 26.21 -6.22
C THR B 2 -15.80 24.81 -6.76
N VAL B 3 -16.02 24.63 -8.05
CA VAL B 3 -15.74 23.36 -8.69
C VAL B 3 -15.03 23.61 -10.02
N VAL B 4 -13.80 23.12 -10.10
CA VAL B 4 -13.00 23.28 -11.30
C VAL B 4 -12.32 21.95 -11.63
N SER B 5 -12.70 21.39 -12.78
CA SER B 5 -12.12 20.14 -13.22
C SER B 5 -11.81 20.20 -14.71
N GLY B 6 -10.99 19.26 -15.16
CA GLY B 6 -10.60 19.20 -16.56
C GLY B 6 -11.39 18.11 -17.30
N GLN B 7 -10.75 17.58 -18.33
CA GLN B 7 -11.39 16.54 -19.13
C GLN B 7 -10.33 15.79 -19.95
N LYS B 8 -10.71 14.61 -20.42
CA LYS B 8 -9.82 13.80 -21.22
C LYS B 8 -8.57 13.45 -20.39
N GLN B 9 -8.71 12.44 -19.56
CA GLN B 9 -7.62 12.00 -18.71
C GLN B 9 -7.39 10.50 -18.88
N ASP B 10 -6.77 10.15 -20.00
CA ASP B 10 -6.48 8.75 -20.30
C ASP B 10 -5.00 8.62 -20.69
N ARG B 11 -4.49 7.41 -20.52
CA ARG B 11 -3.10 7.14 -20.85
C ARG B 11 -2.78 5.66 -20.63
N GLN B 12 -3.06 4.87 -21.65
CA GLN B 12 -2.80 3.44 -21.58
C GLN B 12 -3.69 2.79 -20.51
N GLY B 13 -4.12 1.58 -20.80
CA GLY B 13 -4.98 0.85 -19.87
C GLY B 13 -4.27 0.61 -18.54
N GLY B 14 -4.83 1.21 -17.50
CA GLY B 14 -4.26 1.06 -16.17
C GLY B 14 -3.72 -0.36 -15.94
N GLU B 15 -2.63 -0.43 -15.20
CA GLU B 15 -2.01 -1.72 -14.90
C GLU B 15 -3.01 -2.63 -14.20
N ARG B 16 -3.18 -3.81 -14.78
CA ARG B 16 -4.11 -4.79 -14.22
C ARG B 16 -3.37 -5.73 -13.26
N ARG B 17 -2.32 -6.36 -13.79
CA ARG B 17 -1.53 -7.28 -12.99
C ARG B 17 -1.35 -6.73 -11.58
N ARG B 18 -1.57 -7.61 -10.60
CA ARG B 18 -1.44 -7.24 -9.21
C ARG B 18 -1.76 -8.43 -8.30
N SER B 19 -0.99 -9.50 -8.50
CA SER B 19 -1.17 -10.70 -7.70
C SER B 19 -2.66 -10.96 -7.48
N GLN B 20 -2.96 -11.59 -6.36
CA GLN B 20 -4.33 -11.90 -6.01
C GLN B 20 -4.94 -10.77 -5.18
N LEU B 21 -4.56 -9.56 -5.52
CA LEU B 21 -5.05 -8.39 -4.81
C LEU B 21 -6.56 -8.26 -5.04
N ASP B 22 -7.32 -8.62 -4.02
CA ASP B 22 -8.77 -8.55 -4.11
C ASP B 22 -9.21 -7.08 -4.09
N ARG B 23 -10.34 -6.83 -4.73
CA ARG B 23 -10.87 -5.49 -4.80
C ARG B 23 -11.25 -4.99 -3.41
N ASP B 24 -11.24 -5.91 -2.45
CA ASP B 24 -11.57 -5.58 -1.08
C ASP B 24 -10.51 -6.19 -0.15
N GLN B 25 -9.30 -6.30 -0.67
CA GLN B 25 -8.20 -6.85 0.11
C GLN B 25 -7.09 -5.83 0.26
N CYS B 26 -6.72 -5.57 1.51
CA CYS B 26 -5.67 -4.61 1.81
C CYS B 26 -4.39 -5.08 1.12
N ALA B 27 -3.74 -4.15 0.45
CA ALA B 27 -2.50 -4.44 -0.25
C ALA B 27 -1.32 -3.96 0.58
N TYR B 28 -1.48 -4.07 1.89
CA TYR B 28 -0.43 -3.65 2.81
C TYR B 28 -0.15 -4.73 3.85
N CYS B 29 -1.18 -5.07 4.60
CA CYS B 29 -1.05 -6.09 5.63
C CYS B 29 -1.53 -7.42 5.06
N LYS B 30 -2.47 -7.32 4.12
CA LYS B 30 -3.01 -8.51 3.48
C LYS B 30 -4.32 -8.90 4.18
N GLU B 31 -4.98 -7.90 4.73
CA GLU B 31 -6.24 -8.12 5.43
C GLU B 31 -7.41 -7.70 4.55
N LYS B 32 -8.41 -8.57 4.48
CA LYS B 32 -9.59 -8.29 3.68
C LYS B 32 -10.62 -7.56 4.55
N GLY B 33 -11.19 -6.51 3.98
CA GLY B 33 -12.19 -5.72 4.68
C GLY B 33 -11.88 -4.22 4.58
N HIS B 34 -10.60 -3.90 4.67
CA HIS B 34 -10.16 -2.52 4.59
C HIS B 34 -9.16 -2.37 3.45
N TRP B 35 -9.01 -1.13 3.00
CA TRP B 35 -8.09 -0.83 1.92
C TRP B 35 -6.75 -0.40 2.53
N ALA B 36 -5.71 -0.48 1.71
CA ALA B 36 -4.38 -0.10 2.16
C ALA B 36 -4.40 1.37 2.62
N LYS B 37 -5.20 2.16 1.93
CA LYS B 37 -5.32 3.57 2.25
C LYS B 37 -5.95 3.72 3.64
N ASP B 38 -6.48 2.62 4.14
CA ASP B 38 -7.11 2.61 5.44
C ASP B 38 -6.53 1.46 6.28
N CYS B 39 -5.29 1.12 5.98
CA CYS B 39 -4.61 0.05 6.70
C CYS B 39 -4.32 0.53 8.12
N PRO B 40 -4.67 -0.34 9.11
CA PRO B 40 -4.45 -0.02 10.50
C PRO B 40 -2.97 -0.15 10.86
N LYS B 41 -2.17 -0.52 9.87
CA LYS B 41 -0.75 -0.68 10.07
C LYS B 41 -0.02 0.60 9.67
N LYS B 42 -0.72 1.42 8.90
CA LYS B 42 -0.16 2.69 8.44
C LYS B 42 0.13 3.56 9.65
N PRO B 43 1.45 3.79 9.90
CA PRO B 43 1.87 4.61 11.01
C PRO B 43 1.65 6.09 10.72
N ARG B 44 1.19 6.81 11.74
CA ARG B 44 0.93 8.23 11.60
C ARG B 44 1.83 9.03 12.55
N GLY B 45 3.13 8.79 12.42
CA GLY B 45 4.10 9.48 13.25
C GLY B 45 4.65 8.54 14.33
N PRO B 46 5.63 9.08 15.12
CA PRO B 46 6.08 10.44 14.91
C PRO B 46 6.97 10.55 13.68
N ARG B 47 6.97 11.74 13.09
CA ARG B 47 7.76 11.98 11.89
C ARG B 47 9.16 11.37 12.06
N GLY B 48 9.69 10.89 10.95
CA GLY B 48 11.02 10.28 10.95
C GLY B 48 11.01 8.96 10.20
N PRO B 49 11.28 9.05 8.87
CA PRO B 49 11.31 7.86 8.03
C PRO B 49 12.58 7.05 8.28
N ARG B 50 12.41 5.94 8.98
CA ARG B 50 13.53 5.07 9.29
C ARG B 50 13.17 3.61 8.97
N PRO B 51 13.49 3.19 7.72
CA PRO B 51 13.20 1.84 7.28
C PRO B 51 14.20 0.85 7.90
N GLN B 52 15.46 1.23 7.86
CA GLN B 52 16.51 0.39 8.41
C GLN B 52 16.62 -0.91 7.62
N THR B 53 17.78 -1.54 7.72
CA THR B 53 18.02 -2.79 7.02
C THR B 53 17.66 -3.98 7.91
N SER B 54 16.62 -4.69 7.52
CA SER B 54 16.17 -5.85 8.28
C SER B 54 16.34 -7.12 7.43
N LEU B 55 16.95 -8.12 8.04
CA LEU B 55 17.19 -9.39 7.37
C LEU B 55 16.92 -10.54 8.35
N LEU B 56 17.74 -10.59 9.39
CA LEU B 56 17.62 -11.62 10.40
C LEU B 56 17.87 -12.99 9.75
N ALA B 1 -16.92 27.48 -9.06
CA ALA B 1 -17.44 26.12 -9.12
C ALA B 1 -16.68 25.35 -10.21
N THR B 2 -15.37 25.20 -9.99
CA THR B 2 -14.54 24.50 -10.94
C THR B 2 -13.43 23.74 -10.20
N VAL B 3 -12.98 22.66 -10.82
CA VAL B 3 -11.93 21.85 -10.24
C VAL B 3 -10.86 21.56 -11.31
N VAL B 4 -9.62 21.82 -10.93
CA VAL B 4 -8.51 21.60 -11.84
C VAL B 4 -7.20 21.53 -11.04
N SER B 5 -6.28 20.72 -11.55
CA SER B 5 -5.00 20.55 -10.88
C SER B 5 -3.86 20.87 -11.86
N GLY B 6 -2.69 21.14 -11.30
CA GLY B 6 -1.53 21.47 -12.10
C GLY B 6 -0.31 20.68 -11.63
N GLN B 7 0.15 19.78 -12.48
CA GLN B 7 1.32 18.97 -12.17
C GLN B 7 1.69 18.10 -13.37
N LYS B 8 2.89 17.53 -13.29
CA LYS B 8 3.38 16.68 -14.36
C LYS B 8 4.55 15.83 -13.83
N GLN B 9 4.20 14.67 -13.30
CA GLN B 9 5.20 13.77 -12.77
C GLN B 9 5.29 12.50 -13.62
N ASP B 10 6.39 11.79 -13.45
CA ASP B 10 6.61 10.55 -14.20
C ASP B 10 5.66 9.47 -13.67
N ARG B 11 5.46 8.44 -14.48
CA ARG B 11 4.60 7.34 -14.11
C ARG B 11 4.76 6.19 -15.09
N GLN B 12 5.77 5.36 -14.81
CA GLN B 12 6.05 4.21 -15.66
C GLN B 12 6.35 2.98 -14.80
N GLY B 13 5.33 2.14 -14.65
CA GLY B 13 5.48 0.93 -13.85
C GLY B 13 4.11 0.41 -13.41
N GLY B 14 3.99 0.21 -12.09
CA GLY B 14 2.75 -0.28 -11.53
C GLY B 14 2.79 -1.80 -11.34
N GLU B 15 3.63 -2.23 -10.41
CA GLU B 15 3.77 -3.64 -10.13
C GLU B 15 4.64 -3.86 -8.88
N ARG B 16 4.34 -4.92 -8.16
CA ARG B 16 5.07 -5.25 -6.95
C ARG B 16 4.61 -6.58 -6.39
N ARG B 17 3.34 -6.64 -6.03
CA ARG B 17 2.76 -7.84 -5.46
C ARG B 17 1.24 -7.69 -5.34
N ARG B 18 0.53 -8.69 -5.86
CA ARG B 18 -0.92 -8.68 -5.81
C ARG B 18 -1.45 -10.12 -5.76
N SER B 19 -0.58 -11.03 -5.34
CA SER B 19 -0.95 -12.43 -5.25
C SER B 19 -2.39 -12.55 -4.74
N GLN B 20 -2.59 -12.10 -3.52
CA GLN B 20 -3.92 -12.16 -2.91
C GLN B 20 -4.45 -10.74 -2.66
N LEU B 21 -4.33 -9.91 -3.68
CA LEU B 21 -4.79 -8.53 -3.58
C LEU B 21 -6.14 -8.40 -4.28
N ASP B 22 -7.19 -8.62 -3.51
CA ASP B 22 -8.54 -8.53 -4.04
C ASP B 22 -8.97 -7.07 -4.10
N ARG B 23 -10.05 -6.83 -4.81
CA ARG B 23 -10.59 -5.48 -4.94
C ARG B 23 -11.06 -4.96 -3.59
N ASP B 24 -11.12 -5.86 -2.63
CA ASP B 24 -11.55 -5.50 -1.28
C ASP B 24 -10.57 -6.08 -0.26
N GLN B 25 -9.32 -6.22 -0.71
CA GLN B 25 -8.29 -6.77 0.16
C GLN B 25 -7.15 -5.75 0.32
N CYS B 26 -6.79 -5.49 1.57
CA CYS B 26 -5.74 -4.55 1.87
C CYS B 26 -4.45 -5.04 1.20
N ALA B 27 -3.82 -4.14 0.46
CA ALA B 27 -2.59 -4.47 -0.23
C ALA B 27 -1.40 -3.95 0.57
N TYR B 28 -1.54 -4.04 1.88
CA TYR B 28 -0.48 -3.59 2.79
C TYR B 28 -0.17 -4.66 3.84
N CYS B 29 -1.22 -5.10 4.51
CA CYS B 29 -1.06 -6.12 5.54
C CYS B 29 -1.63 -7.43 5.01
N LYS B 30 -2.53 -7.30 4.05
CA LYS B 30 -3.17 -8.47 3.45
C LYS B 30 -4.46 -8.79 4.20
N GLU B 31 -5.03 -7.74 4.79
CA GLU B 31 -6.26 -7.90 5.55
C GLU B 31 -7.47 -7.61 4.66
N LYS B 32 -8.31 -8.61 4.49
CA LYS B 32 -9.49 -8.47 3.67
C LYS B 32 -10.57 -7.71 4.45
N GLY B 33 -11.04 -6.63 3.86
CA GLY B 33 -12.06 -5.80 4.49
C GLY B 33 -11.75 -4.32 4.33
N HIS B 34 -10.55 -3.94 4.74
CA HIS B 34 -10.12 -2.57 4.65
C HIS B 34 -9.10 -2.43 3.52
N TRP B 35 -8.97 -1.19 3.03
CA TRP B 35 -8.04 -0.91 1.95
C TRP B 35 -6.71 -0.47 2.58
N ALA B 36 -5.65 -0.57 1.79
CA ALA B 36 -4.32 -0.19 2.25
C ALA B 36 -4.34 1.28 2.66
N LYS B 37 -5.13 2.06 1.92
CA LYS B 37 -5.24 3.48 2.20
C LYS B 37 -5.91 3.69 3.56
N ASP B 38 -6.43 2.59 4.10
CA ASP B 38 -7.10 2.63 5.39
C ASP B 38 -6.55 1.52 6.28
N CYS B 39 -5.29 1.17 6.02
CA CYS B 39 -4.63 0.13 6.79
C CYS B 39 -4.28 0.70 8.17
N PRO B 40 -4.63 -0.08 9.23
CA PRO B 40 -4.35 0.34 10.59
C PRO B 40 -2.86 0.18 10.92
N LYS B 41 -2.12 -0.30 9.93
CA LYS B 41 -0.69 -0.51 10.10
C LYS B 41 0.06 0.76 9.70
N LYS B 42 -0.62 1.58 8.91
CA LYS B 42 -0.02 2.83 8.44
C LYS B 42 0.53 3.59 9.64
N PRO B 43 1.89 3.60 9.73
CA PRO B 43 2.56 4.30 10.83
C PRO B 43 2.54 5.81 10.60
N ARG B 44 1.67 6.47 11.37
CA ARG B 44 1.55 7.91 11.27
C ARG B 44 2.93 8.58 11.27
N GLY B 45 3.07 9.56 10.40
CA GLY B 45 4.33 10.28 10.28
C GLY B 45 4.71 10.93 11.61
N PRO B 46 5.93 11.55 11.61
CA PRO B 46 6.76 11.57 10.43
C PRO B 46 7.42 10.21 10.20
N ARG B 47 7.41 9.79 8.95
CA ARG B 47 7.99 8.50 8.59
C ARG B 47 8.44 8.52 7.12
N GLY B 48 9.51 7.81 6.85
CA GLY B 48 10.05 7.73 5.50
C GLY B 48 10.95 6.50 5.34
N PRO B 49 11.13 6.09 4.05
CA PRO B 49 11.96 4.94 3.74
C PRO B 49 13.45 5.29 3.87
N ARG B 50 14.23 4.29 4.24
CA ARG B 50 15.66 4.49 4.39
C ARG B 50 16.43 3.36 3.69
N PRO B 51 17.64 3.71 3.20
CA PRO B 51 18.48 2.74 2.51
C PRO B 51 19.13 1.78 3.50
N GLN B 52 19.79 2.36 4.49
CA GLN B 52 20.46 1.57 5.51
C GLN B 52 21.61 0.76 4.89
N THR B 53 22.76 1.40 4.78
CA THR B 53 23.93 0.76 4.20
C THR B 53 25.21 1.32 4.83
N SER B 54 26.03 0.41 5.34
CA SER B 54 27.28 0.81 5.96
C SER B 54 28.26 1.30 4.89
N LEU B 55 28.15 2.59 4.58
CA LEU B 55 29.02 3.19 3.59
C LEU B 55 29.72 4.41 4.20
N LEU B 56 30.72 4.12 5.01
CA LEU B 56 31.48 5.18 5.67
C LEU B 56 30.52 6.28 6.13
N ALA B 1 9.85 40.00 -13.64
CA ALA B 1 8.70 39.34 -14.22
C ALA B 1 9.11 37.98 -14.77
N THR B 2 8.31 36.97 -14.43
CA THR B 2 8.59 35.61 -14.88
C THR B 2 7.39 34.71 -14.58
N VAL B 3 7.28 33.66 -15.39
CA VAL B 3 6.19 32.71 -15.23
C VAL B 3 6.73 31.29 -15.40
N VAL B 4 6.26 30.41 -14.54
CA VAL B 4 6.68 29.01 -14.58
C VAL B 4 5.82 28.19 -13.61
N SER B 5 5.58 26.95 -14.00
CA SER B 5 4.78 26.06 -13.18
C SER B 5 4.61 24.71 -13.89
N GLY B 6 4.51 23.66 -13.08
CA GLY B 6 4.37 22.32 -13.60
C GLY B 6 4.42 21.28 -12.48
N GLN B 7 3.80 20.14 -12.74
CA GLN B 7 3.77 19.07 -11.76
C GLN B 7 3.62 17.72 -12.46
N LYS B 8 4.60 16.86 -12.24
CA LYS B 8 4.59 15.54 -12.85
C LYS B 8 4.58 14.48 -11.75
N GLN B 9 4.17 13.28 -12.14
CA GLN B 9 4.11 12.17 -11.19
C GLN B 9 4.14 10.84 -11.93
N ASP B 10 4.66 9.83 -11.26
CA ASP B 10 4.74 8.50 -11.84
C ASP B 10 5.32 7.53 -10.81
N ARG B 11 4.53 6.52 -10.48
CA ARG B 11 4.96 5.52 -9.51
C ARG B 11 5.63 4.34 -10.23
N GLN B 12 6.50 3.67 -9.50
CA GLN B 12 7.21 2.53 -10.05
C GLN B 12 6.33 1.29 -10.03
N GLY B 13 5.57 1.13 -11.10
CA GLY B 13 4.67 -0.02 -11.23
C GLY B 13 5.39 -1.32 -10.88
N GLY B 14 4.60 -2.37 -10.71
CA GLY B 14 5.14 -3.68 -10.38
C GLY B 14 5.39 -4.50 -11.64
N GLU B 15 5.91 -5.71 -11.43
CA GLU B 15 6.20 -6.60 -12.54
C GLU B 15 4.91 -7.06 -13.21
N ARG B 16 4.16 -7.87 -12.46
CA ARG B 16 2.90 -8.38 -12.97
C ARG B 16 2.24 -9.29 -11.93
N ARG B 17 0.95 -9.53 -12.13
CA ARG B 17 0.20 -10.38 -11.22
C ARG B 17 0.19 -9.77 -9.82
N ARG B 18 -0.84 -10.11 -9.06
CA ARG B 18 -0.98 -9.61 -7.71
C ARG B 18 -1.83 -10.56 -6.87
N SER B 19 -1.38 -11.81 -6.82
CA SER B 19 -2.09 -12.83 -6.06
C SER B 19 -3.59 -12.66 -6.21
N GLN B 20 -4.31 -13.07 -5.18
CA GLN B 20 -5.77 -12.96 -5.19
C GLN B 20 -6.20 -11.61 -4.60
N LEU B 21 -5.37 -10.61 -4.82
CA LEU B 21 -5.66 -9.27 -4.33
C LEU B 21 -7.10 -8.90 -4.68
N ASP B 22 -7.98 -9.10 -3.71
CA ASP B 22 -9.39 -8.79 -3.90
C ASP B 22 -9.57 -7.27 -4.01
N ARG B 23 -10.69 -6.88 -4.57
CA ARG B 23 -11.00 -5.46 -4.73
C ARG B 23 -11.21 -4.80 -3.36
N ASP B 24 -11.24 -5.65 -2.34
CA ASP B 24 -11.45 -5.16 -0.99
C ASP B 24 -10.40 -5.80 -0.06
N GLN B 25 -9.30 -6.20 -0.67
CA GLN B 25 -8.23 -6.83 0.09
C GLN B 25 -7.06 -5.85 0.26
N CYS B 26 -6.80 -5.52 1.51
CA CYS B 26 -5.72 -4.59 1.83
C CYS B 26 -4.44 -5.10 1.16
N ALA B 27 -3.77 -4.19 0.47
CA ALA B 27 -2.54 -4.53 -0.23
C ALA B 27 -1.34 -4.04 0.59
N TYR B 28 -1.49 -4.16 1.90
CA TYR B 28 -0.43 -3.74 2.81
C TYR B 28 -0.18 -4.79 3.89
N CYS B 29 -1.25 -5.16 4.59
CA CYS B 29 -1.16 -6.15 5.64
C CYS B 29 -1.79 -7.45 5.13
N LYS B 30 -2.41 -7.34 3.96
CA LYS B 30 -3.06 -8.49 3.36
C LYS B 30 -4.36 -8.78 4.10
N GLU B 31 -4.90 -7.74 4.72
CA GLU B 31 -6.14 -7.86 5.47
C GLU B 31 -7.33 -7.54 4.56
N LYS B 32 -8.26 -8.49 4.49
CA LYS B 32 -9.45 -8.31 3.68
C LYS B 32 -10.56 -7.68 4.52
N GLY B 33 -11.00 -6.51 4.08
CA GLY B 33 -12.05 -5.80 4.79
C GLY B 33 -11.80 -4.29 4.74
N HIS B 34 -10.54 -3.93 4.57
CA HIS B 34 -10.15 -2.52 4.51
C HIS B 34 -9.14 -2.32 3.38
N TRP B 35 -9.06 -1.08 2.93
CA TRP B 35 -8.12 -0.73 1.86
C TRP B 35 -6.79 -0.37 2.51
N ALA B 36 -5.74 -0.49 1.70
CA ALA B 36 -4.40 -0.18 2.17
C ALA B 36 -4.36 1.27 2.66
N LYS B 37 -5.14 2.11 1.99
CA LYS B 37 -5.20 3.52 2.35
C LYS B 37 -5.84 3.67 3.73
N ASP B 38 -6.55 2.62 4.13
CA ASP B 38 -7.20 2.62 5.43
C ASP B 38 -6.60 1.52 6.31
N CYS B 39 -5.40 1.11 5.94
CA CYS B 39 -4.70 0.08 6.68
C CYS B 39 -4.42 0.60 8.08
N PRO B 40 -4.81 -0.23 9.10
CA PRO B 40 -4.60 0.14 10.48
C PRO B 40 -3.12 -0.02 10.88
N LYS B 41 -2.33 -0.44 9.91
CA LYS B 41 -0.91 -0.64 10.14
C LYS B 41 -0.15 0.60 9.66
N LYS B 42 -0.80 1.36 8.81
CA LYS B 42 -0.20 2.58 8.27
C LYS B 42 0.21 3.49 9.42
N PRO B 43 1.55 3.61 9.62
CA PRO B 43 2.08 4.46 10.67
C PRO B 43 1.96 5.94 10.31
N ARG B 44 2.48 6.78 11.20
CA ARG B 44 2.44 8.22 10.98
C ARG B 44 3.75 8.70 10.35
N GLY B 45 3.83 8.56 9.04
CA GLY B 45 5.02 8.97 8.31
C GLY B 45 5.90 7.76 7.98
N PRO B 46 7.00 8.05 7.22
CA PRO B 46 7.28 9.41 6.81
C PRO B 46 6.36 9.84 5.66
N ARG B 47 5.78 11.02 5.82
CA ARG B 47 4.88 11.55 4.82
C ARG B 47 5.64 11.83 3.51
N GLY B 48 4.88 11.90 2.43
CA GLY B 48 5.47 12.15 1.13
C GLY B 48 6.57 11.15 0.82
N PRO B 49 6.19 10.09 0.06
CA PRO B 49 7.13 9.05 -0.32
C PRO B 49 8.08 9.54 -1.42
N ARG B 50 8.95 8.64 -1.85
CA ARG B 50 9.90 8.97 -2.89
C ARG B 50 10.59 7.71 -3.40
N PRO B 51 9.79 6.85 -4.09
CA PRO B 51 10.31 5.61 -4.64
C PRO B 51 11.17 5.86 -5.87
N GLN B 52 12.28 5.13 -5.95
CA GLN B 52 13.19 5.26 -7.08
C GLN B 52 13.41 3.90 -7.74
N THR B 53 14.04 3.01 -7.00
CA THR B 53 14.33 1.68 -7.51
C THR B 53 14.49 0.69 -6.35
N SER B 54 13.66 -0.34 -6.37
CA SER B 54 13.70 -1.36 -5.33
C SER B 54 14.54 -2.54 -5.80
N LEU B 55 15.15 -3.21 -4.83
CA LEU B 55 15.99 -4.36 -5.14
C LEU B 55 15.15 -5.41 -5.85
N LEU B 56 14.22 -5.99 -5.11
CA LEU B 56 13.34 -7.02 -5.65
C LEU B 56 12.06 -6.36 -6.18
N ALA B 1 45.15 -19.49 -1.91
CA ALA B 1 44.33 -18.61 -2.73
C ALA B 1 42.90 -18.58 -2.15
N THR B 2 42.52 -17.40 -1.69
CA THR B 2 41.19 -17.22 -1.12
C THR B 2 40.64 -15.84 -1.46
N VAL B 3 39.33 -15.72 -1.41
CA VAL B 3 38.67 -14.47 -1.71
C VAL B 3 37.35 -14.39 -0.93
N VAL B 4 36.82 -13.18 -0.85
CA VAL B 4 35.57 -12.96 -0.15
C VAL B 4 34.63 -12.13 -1.03
N SER B 5 33.33 -12.39 -0.87
CA SER B 5 32.33 -11.69 -1.64
C SER B 5 30.94 -11.99 -1.09
N GLY B 6 29.98 -11.15 -1.47
CA GLY B 6 28.61 -11.32 -1.01
C GLY B 6 27.69 -10.29 -1.68
N GLN B 7 26.39 -10.49 -1.46
CA GLN B 7 25.40 -9.59 -2.04
C GLN B 7 24.03 -9.89 -1.45
N LYS B 8 23.13 -8.92 -1.61
CA LYS B 8 21.77 -9.07 -1.10
C LYS B 8 21.05 -10.17 -1.89
N GLN B 9 19.83 -10.46 -1.47
CA GLN B 9 19.04 -11.48 -2.12
C GLN B 9 17.61 -10.96 -2.40
N ASP B 10 16.94 -10.60 -1.32
CA ASP B 10 15.58 -10.08 -1.41
C ASP B 10 15.51 -9.10 -2.59
N ARG B 11 14.33 -9.06 -3.20
CA ARG B 11 14.11 -8.16 -4.33
C ARG B 11 12.69 -8.33 -4.87
N GLN B 12 12.23 -7.30 -5.55
CA GLN B 12 10.89 -7.32 -6.13
C GLN B 12 10.95 -7.69 -7.61
N GLY B 13 10.09 -8.63 -7.99
CA GLY B 13 10.04 -9.08 -9.37
C GLY B 13 9.12 -10.29 -9.51
N GLY B 14 8.71 -10.54 -10.74
CA GLY B 14 7.84 -11.67 -11.03
C GLY B 14 6.52 -11.20 -11.66
N GLU B 15 5.90 -12.11 -12.40
CA GLU B 15 4.64 -11.80 -13.06
C GLU B 15 3.47 -12.41 -12.29
N ARG B 16 2.41 -11.63 -12.16
CA ARG B 16 1.22 -12.08 -11.45
C ARG B 16 0.17 -10.98 -11.41
N ARG B 17 -1.07 -11.39 -11.23
CA ARG B 17 -2.18 -10.45 -11.18
C ARG B 17 -2.23 -9.77 -9.81
N ARG B 18 -1.14 -9.07 -9.49
CA ARG B 18 -1.05 -8.38 -8.22
C ARG B 18 -1.63 -9.24 -7.10
N SER B 19 -1.11 -10.45 -6.99
CA SER B 19 -1.56 -11.38 -5.96
C SER B 19 -3.09 -11.33 -5.86
N GLN B 20 -3.74 -11.45 -7.01
CA GLN B 20 -5.19 -11.41 -7.06
C GLN B 20 -5.73 -10.38 -6.07
N LEU B 21 -5.18 -9.18 -6.16
CA LEU B 21 -5.60 -8.10 -5.29
C LEU B 21 -7.12 -7.94 -5.35
N ASP B 22 -7.79 -8.44 -4.32
CA ASP B 22 -9.24 -8.36 -4.25
C ASP B 22 -9.66 -6.92 -4.01
N ARG B 23 -10.85 -6.58 -4.48
CA ARG B 23 -11.38 -5.24 -4.31
C ARG B 23 -11.61 -4.94 -2.83
N ASP B 24 -11.50 -5.99 -2.03
CA ASP B 24 -11.70 -5.86 -0.60
C ASP B 24 -10.51 -6.49 0.14
N GLN B 25 -9.37 -6.47 -0.52
CA GLN B 25 -8.16 -7.03 0.06
C GLN B 25 -7.08 -5.96 0.20
N CYS B 26 -6.70 -5.72 1.44
CA CYS B 26 -5.67 -4.72 1.73
C CYS B 26 -4.37 -5.16 1.05
N ALA B 27 -3.72 -4.19 0.42
CA ALA B 27 -2.47 -4.46 -0.26
C ALA B 27 -1.31 -3.93 0.58
N TYR B 28 -1.45 -4.06 1.89
CA TYR B 28 -0.44 -3.60 2.81
C TYR B 28 -0.14 -4.67 3.87
N CYS B 29 -1.19 -5.05 4.58
CA CYS B 29 -1.05 -6.05 5.62
C CYS B 29 -1.48 -7.41 5.05
N LYS B 30 -2.44 -7.34 4.13
CA LYS B 30 -2.96 -8.55 3.50
C LYS B 30 -4.26 -8.97 4.20
N GLU B 31 -4.97 -7.98 4.72
CA GLU B 31 -6.22 -8.24 5.41
C GLU B 31 -7.39 -7.67 4.60
N LYS B 32 -8.38 -8.53 4.38
CA LYS B 32 -9.55 -8.14 3.62
C LYS B 32 -10.54 -7.44 4.57
N GLY B 33 -11.24 -6.45 4.02
CA GLY B 33 -12.22 -5.71 4.78
C GLY B 33 -11.95 -4.20 4.71
N HIS B 34 -10.66 -3.87 4.63
CA HIS B 34 -10.25 -2.48 4.55
C HIS B 34 -9.29 -2.29 3.36
N TRP B 35 -9.03 -1.03 3.06
CA TRP B 35 -8.14 -0.70 1.97
C TRP B 35 -6.78 -0.32 2.56
N ALA B 36 -5.75 -0.43 1.72
CA ALA B 36 -4.40 -0.10 2.14
C ALA B 36 -4.37 1.35 2.64
N LYS B 37 -5.15 2.19 1.98
CA LYS B 37 -5.21 3.59 2.33
C LYS B 37 -5.82 3.73 3.72
N ASP B 38 -6.49 2.67 4.15
CA ASP B 38 -7.13 2.66 5.46
C ASP B 38 -6.57 1.50 6.29
N CYS B 39 -5.34 1.11 5.94
CA CYS B 39 -4.69 0.01 6.65
C CYS B 39 -4.43 0.46 8.08
N PRO B 40 -4.80 -0.45 9.04
CA PRO B 40 -4.61 -0.16 10.46
C PRO B 40 -3.15 -0.30 10.84
N LYS B 41 -2.32 -0.62 9.86
CA LYS B 41 -0.90 -0.78 10.09
C LYS B 41 -0.18 0.52 9.77
N LYS B 42 -0.86 1.36 8.99
CA LYS B 42 -0.30 2.64 8.60
C LYS B 42 -0.15 3.52 9.84
N PRO B 43 1.15 3.79 10.19
CA PRO B 43 1.45 4.61 11.35
C PRO B 43 1.19 6.09 11.05
N ARG B 44 0.49 6.74 11.98
CA ARG B 44 0.17 8.14 11.83
C ARG B 44 0.64 8.93 13.06
N GLY B 45 1.34 10.02 12.79
CA GLY B 45 1.85 10.86 13.85
C GLY B 45 2.29 12.23 13.32
N PRO B 46 2.74 13.10 14.26
CA PRO B 46 2.78 12.73 15.67
C PRO B 46 1.37 12.74 16.27
N ARG B 47 1.08 11.70 17.04
CA ARG B 47 -0.21 11.57 17.68
C ARG B 47 -0.44 12.73 18.67
N GLY B 48 -1.64 13.29 18.61
CA GLY B 48 -1.98 14.40 19.48
C GLY B 48 -2.61 15.54 18.70
N PRO B 49 -3.97 15.55 18.65
CA PRO B 49 -4.70 16.58 17.95
C PRO B 49 -4.67 17.90 18.71
N ARG B 50 -3.56 18.59 18.62
CA ARG B 50 -3.39 19.86 19.29
C ARG B 50 -3.48 19.67 20.81
N PRO B 51 -2.31 19.31 21.40
CA PRO B 51 -2.23 19.09 22.84
C PRO B 51 -2.25 20.42 23.60
N GLN B 52 -1.31 21.27 23.24
CA GLN B 52 -1.20 22.58 23.88
C GLN B 52 0.03 23.33 23.37
N THR B 53 1.08 22.57 23.11
CA THR B 53 2.32 23.14 22.61
C THR B 53 2.93 24.08 23.65
N SER B 54 2.33 25.25 23.77
CA SER B 54 2.80 26.24 24.72
C SER B 54 1.72 26.53 25.77
N LEU B 55 1.80 25.79 26.87
CA LEU B 55 0.82 25.96 27.94
C LEU B 55 1.48 26.72 29.09
N LEU B 56 1.78 27.99 28.83
CA LEU B 56 2.39 28.84 29.83
C LEU B 56 1.66 28.66 31.16
N ALA B 1 -25.69 -6.23 -7.44
CA ALA B 1 -25.74 -7.18 -8.53
C ALA B 1 -24.81 -8.35 -8.25
N THR B 2 -23.53 -8.03 -8.12
CA THR B 2 -22.53 -9.03 -7.84
C THR B 2 -22.78 -10.29 -8.69
N VAL B 3 -22.38 -10.20 -9.96
CA VAL B 3 -22.58 -11.32 -10.87
C VAL B 3 -21.72 -11.09 -12.12
N VAL B 4 -20.78 -12.01 -12.33
CA VAL B 4 -19.90 -11.92 -13.47
C VAL B 4 -19.53 -13.32 -13.95
N SER B 5 -20.05 -13.68 -15.11
CA SER B 5 -19.78 -14.99 -15.67
C SER B 5 -19.92 -14.94 -17.20
N GLY B 6 -18.87 -14.44 -17.83
CA GLY B 6 -18.84 -14.33 -19.28
C GLY B 6 -17.82 -13.30 -19.74
N GLN B 7 -16.55 -13.69 -19.65
CA GLN B 7 -15.47 -12.81 -20.06
C GLN B 7 -14.87 -13.28 -21.38
N LYS B 8 -14.76 -12.35 -22.32
CA LYS B 8 -14.21 -12.65 -23.63
C LYS B 8 -12.68 -12.58 -23.56
N GLN B 9 -12.06 -13.72 -23.78
CA GLN B 9 -10.61 -13.79 -23.75
C GLN B 9 -10.09 -14.60 -24.93
N ASP B 10 -10.05 -13.96 -26.09
CA ASP B 10 -9.59 -14.62 -27.30
C ASP B 10 -8.12 -14.21 -27.56
N ARG B 11 -7.92 -12.91 -27.68
CA ARG B 11 -6.59 -12.39 -27.94
C ARG B 11 -6.05 -11.67 -26.69
N GLN B 12 -4.77 -11.89 -26.43
CA GLN B 12 -4.13 -11.27 -25.28
C GLN B 12 -4.90 -11.62 -23.99
N GLY B 13 -4.49 -12.71 -23.38
CA GLY B 13 -5.11 -13.16 -22.15
C GLY B 13 -4.50 -12.47 -20.93
N GLY B 14 -3.21 -12.66 -20.76
CA GLY B 14 -2.49 -12.06 -19.66
C GLY B 14 -1.97 -13.13 -18.69
N GLU B 15 -1.33 -12.66 -17.63
CA GLU B 15 -0.77 -13.56 -16.63
C GLU B 15 -0.89 -12.95 -15.24
N ARG B 16 -0.94 -13.83 -14.24
CA ARG B 16 -1.05 -13.38 -12.86
C ARG B 16 0.00 -12.31 -12.57
N ARG B 17 -0.47 -11.21 -11.99
CA ARG B 17 0.40 -10.10 -11.64
C ARG B 17 0.34 -9.83 -10.14
N ARG B 18 -0.86 -9.63 -9.65
CA ARG B 18 -1.07 -9.35 -8.24
C ARG B 18 -2.03 -10.37 -7.63
N SER B 19 -1.65 -11.63 -7.74
CA SER B 19 -2.47 -12.70 -7.21
C SER B 19 -3.96 -12.38 -7.41
N GLN B 20 -4.78 -12.88 -6.50
CA GLN B 20 -6.20 -12.66 -6.57
C GLN B 20 -6.59 -11.42 -5.75
N LEU B 21 -5.79 -10.38 -5.88
CA LEU B 21 -6.03 -9.14 -5.17
C LEU B 21 -7.53 -8.87 -5.12
N ASP B 22 -8.08 -8.97 -3.92
CA ASP B 22 -9.50 -8.74 -3.73
C ASP B 22 -9.79 -7.24 -3.82
N ARG B 23 -10.86 -6.91 -4.53
CA ARG B 23 -11.25 -5.53 -4.70
C ARG B 23 -11.58 -4.89 -3.35
N ASP B 24 -11.70 -5.75 -2.35
CA ASP B 24 -12.00 -5.28 -1.01
C ASP B 24 -10.95 -5.83 -0.03
N GLN B 25 -9.73 -5.92 -0.53
CA GLN B 25 -8.63 -6.42 0.29
C GLN B 25 -7.64 -5.29 0.59
N CYS B 26 -6.58 -5.66 1.30
CA CYS B 26 -5.56 -4.69 1.65
C CYS B 26 -4.23 -5.15 1.02
N ALA B 27 -3.56 -4.19 0.41
CA ALA B 27 -2.28 -4.48 -0.24
C ALA B 27 -1.14 -3.94 0.63
N TYR B 28 -1.32 -4.08 1.94
CA TYR B 28 -0.33 -3.62 2.89
C TYR B 28 -0.06 -4.68 3.95
N CYS B 29 -1.13 -5.15 4.57
CA CYS B 29 -1.01 -6.16 5.61
C CYS B 29 -1.60 -7.47 5.07
N LYS B 30 -2.37 -7.33 3.99
CA LYS B 30 -2.99 -8.49 3.37
C LYS B 30 -4.32 -8.78 4.07
N GLU B 31 -4.87 -7.75 4.69
CA GLU B 31 -6.13 -7.87 5.40
C GLU B 31 -7.30 -7.82 4.40
N LYS B 32 -8.41 -8.41 4.80
CA LYS B 32 -9.60 -8.44 3.96
C LYS B 32 -10.71 -7.64 4.64
N GLY B 33 -11.10 -6.56 4.00
CA GLY B 33 -12.15 -5.71 4.54
C GLY B 33 -11.80 -4.23 4.36
N HIS B 34 -10.59 -3.88 4.77
CA HIS B 34 -10.12 -2.50 4.67
C HIS B 34 -9.13 -2.39 3.50
N TRP B 35 -8.95 -1.17 3.04
CA TRP B 35 -8.03 -0.90 1.95
C TRP B 35 -6.69 -0.49 2.55
N ALA B 36 -5.66 -0.56 1.70
CA ALA B 36 -4.32 -0.20 2.14
C ALA B 36 -4.32 1.23 2.64
N LYS B 37 -5.08 2.07 1.96
CA LYS B 37 -5.18 3.48 2.33
C LYS B 37 -5.93 3.59 3.66
N ASP B 38 -6.59 2.51 4.03
CA ASP B 38 -7.35 2.48 5.26
C ASP B 38 -6.75 1.43 6.20
N CYS B 39 -5.54 0.99 5.86
CA CYS B 39 -4.86 -0.01 6.64
C CYS B 39 -4.56 0.58 8.02
N PRO B 40 -5.08 -0.12 9.07
CA PRO B 40 -4.88 0.34 10.44
C PRO B 40 -3.45 0.05 10.91
N LYS B 41 -2.68 -0.53 10.01
CA LYS B 41 -1.29 -0.86 10.32
C LYS B 41 -0.39 0.29 9.87
N LYS B 42 -0.92 1.10 8.97
CA LYS B 42 -0.18 2.23 8.45
C LYS B 42 0.40 3.03 9.62
N PRO B 43 1.75 2.89 9.81
CA PRO B 43 2.43 3.60 10.88
C PRO B 43 2.59 5.08 10.55
N ARG B 44 2.72 5.88 11.60
CA ARG B 44 2.88 7.32 11.43
C ARG B 44 4.18 7.78 12.07
N GLY B 45 4.58 9.00 11.72
CA GLY B 45 5.81 9.56 12.24
C GLY B 45 6.76 9.97 11.11
N PRO B 46 7.90 10.59 11.51
CA PRO B 46 8.16 10.84 12.92
C PRO B 46 7.30 12.00 13.44
N ARG B 47 7.34 12.17 14.75
CA ARG B 47 6.58 13.23 15.39
C ARG B 47 5.08 13.00 15.19
N GLY B 48 4.30 13.68 16.01
CA GLY B 48 2.85 13.56 15.92
C GLY B 48 2.21 13.72 17.30
N PRO B 49 2.08 15.01 17.73
CA PRO B 49 1.49 15.30 19.02
C PRO B 49 -0.03 15.14 18.99
N ARG B 50 -0.46 13.91 18.74
CA ARG B 50 -1.87 13.60 18.68
C ARG B 50 -2.63 14.38 19.75
N PRO B 51 -3.26 15.50 19.30
CA PRO B 51 -4.02 16.34 20.21
C PRO B 51 -5.36 15.69 20.55
N GLN B 52 -5.56 15.47 21.85
CA GLN B 52 -6.78 14.85 22.33
C GLN B 52 -6.81 14.84 23.86
N THR B 53 -7.86 15.44 24.40
CA THR B 53 -8.02 15.50 25.85
C THR B 53 -6.89 16.32 26.47
N SER B 54 -7.24 17.04 27.52
CA SER B 54 -6.27 17.87 28.22
C SER B 54 -5.80 18.99 27.30
N LEU B 55 -6.62 20.03 27.23
CA LEU B 55 -6.29 21.19 26.39
C LEU B 55 -7.34 22.28 26.62
N LEU B 56 -7.39 22.76 27.85
CA LEU B 56 -8.34 23.81 28.21
C LEU B 56 -8.04 24.29 29.63
N ALA B 1 -7.95 -21.59 10.50
CA ALA B 1 -7.76 -22.87 9.85
C ALA B 1 -8.96 -23.14 8.93
N THR B 2 -8.93 -22.49 7.77
CA THR B 2 -10.00 -22.65 6.79
C THR B 2 -9.45 -22.50 5.38
N VAL B 3 -10.04 -23.26 4.46
CA VAL B 3 -9.63 -23.21 3.07
C VAL B 3 -10.46 -22.16 2.33
N VAL B 4 -9.79 -21.42 1.46
CA VAL B 4 -10.45 -20.38 0.69
C VAL B 4 -11.26 -21.04 -0.43
N SER B 5 -12.41 -20.43 -0.73
CA SER B 5 -13.27 -20.94 -1.77
C SER B 5 -14.44 -19.97 -2.00
N GLY B 6 -14.71 -19.70 -3.26
CA GLY B 6 -15.79 -18.81 -3.63
C GLY B 6 -15.44 -17.99 -4.87
N GLN B 7 -15.54 -18.65 -6.02
CA GLN B 7 -15.22 -18.01 -7.28
C GLN B 7 -15.73 -18.87 -8.45
N LYS B 8 -15.69 -18.27 -9.64
CA LYS B 8 -16.13 -18.96 -10.84
C LYS B 8 -15.13 -20.05 -11.20
N GLN B 9 -15.60 -21.28 -11.17
CA GLN B 9 -14.75 -22.42 -11.50
C GLN B 9 -14.78 -22.69 -13.01
N ASP B 10 -13.73 -23.36 -13.48
CA ASP B 10 -13.62 -23.68 -14.89
C ASP B 10 -13.57 -22.39 -15.70
N ARG B 11 -12.85 -22.45 -16.81
CA ARG B 11 -12.71 -21.30 -17.69
C ARG B 11 -12.27 -20.06 -16.88
N GLN B 12 -10.97 -19.95 -16.70
CA GLN B 12 -10.41 -18.84 -15.95
C GLN B 12 -8.87 -18.90 -15.97
N GLY B 13 -8.32 -18.44 -17.08
CA GLY B 13 -6.88 -18.44 -17.25
C GLY B 13 -6.38 -17.08 -17.75
N GLY B 14 -5.93 -16.27 -16.81
CA GLY B 14 -5.44 -14.94 -17.14
C GLY B 14 -6.46 -13.86 -16.77
N GLU B 15 -6.17 -12.65 -17.21
CA GLU B 15 -7.06 -11.53 -16.94
C GLU B 15 -7.18 -11.31 -15.42
N ARG B 16 -6.84 -10.10 -15.01
CA ARG B 16 -6.92 -9.74 -13.60
C ARG B 16 -5.87 -10.53 -12.81
N ARG B 17 -5.02 -9.78 -12.12
CA ARG B 17 -3.97 -10.39 -11.31
C ARG B 17 -3.12 -9.30 -10.64
N ARG B 18 -3.28 -9.20 -9.33
CA ARG B 18 -2.54 -8.22 -8.57
C ARG B 18 -2.17 -8.78 -7.18
N SER B 19 -1.19 -9.67 -7.19
CA SER B 19 -0.73 -10.29 -5.95
C SER B 19 -1.94 -10.77 -5.14
N GLN B 20 -2.90 -11.36 -5.85
CA GLN B 20 -4.10 -11.86 -5.22
C GLN B 20 -4.70 -10.80 -4.29
N LEU B 21 -4.79 -9.58 -4.81
CA LEU B 21 -5.34 -8.48 -4.05
C LEU B 21 -6.79 -8.24 -4.49
N ASP B 22 -7.70 -8.61 -3.61
CA ASP B 22 -9.12 -8.46 -3.88
C ASP B 22 -9.45 -6.96 -3.93
N ARG B 23 -10.56 -6.65 -4.60
CA ARG B 23 -11.00 -5.28 -4.72
C ARG B 23 -11.46 -4.74 -3.37
N ASP B 24 -11.49 -5.64 -2.39
CA ASP B 24 -11.91 -5.27 -1.05
C ASP B 24 -10.86 -5.77 -0.04
N GLN B 25 -9.65 -5.97 -0.54
CA GLN B 25 -8.57 -6.46 0.30
C GLN B 25 -7.60 -5.32 0.61
N CYS B 26 -6.54 -5.66 1.32
CA CYS B 26 -5.53 -4.68 1.68
C CYS B 26 -4.20 -5.12 1.08
N ALA B 27 -3.56 -4.19 0.39
CA ALA B 27 -2.27 -4.46 -0.24
C ALA B 27 -1.15 -3.94 0.66
N TYR B 28 -1.37 -4.04 1.96
CA TYR B 28 -0.39 -3.59 2.93
C TYR B 28 -0.11 -4.67 3.97
N CYS B 29 -1.17 -5.13 4.61
CA CYS B 29 -1.05 -6.17 5.62
C CYS B 29 -1.62 -7.47 5.06
N LYS B 30 -2.36 -7.33 3.96
CA LYS B 30 -2.96 -8.48 3.31
C LYS B 30 -4.28 -8.83 4.02
N GLU B 31 -4.85 -7.81 4.65
CA GLU B 31 -6.11 -7.99 5.35
C GLU B 31 -7.28 -7.76 4.41
N LYS B 32 -8.39 -8.44 4.71
CA LYS B 32 -9.58 -8.31 3.90
C LYS B 32 -10.66 -7.60 4.70
N GLY B 33 -11.17 -6.52 4.12
CA GLY B 33 -12.21 -5.73 4.76
C GLY B 33 -11.90 -4.24 4.69
N HIS B 34 -10.61 -3.94 4.62
CA HIS B 34 -10.17 -2.55 4.54
C HIS B 34 -9.18 -2.40 3.38
N TRP B 35 -8.96 -1.15 2.99
CA TRP B 35 -8.05 -0.86 1.91
C TRP B 35 -6.69 -0.46 2.52
N ALA B 36 -5.67 -0.53 1.69
CA ALA B 36 -4.33 -0.19 2.14
C ALA B 36 -4.32 1.25 2.66
N LYS B 37 -5.02 2.12 1.94
CA LYS B 37 -5.11 3.51 2.33
C LYS B 37 -5.90 3.63 3.63
N ASP B 38 -6.51 2.52 4.02
CA ASP B 38 -7.30 2.49 5.23
C ASP B 38 -6.75 1.41 6.17
N CYS B 39 -5.54 0.96 5.85
CA CYS B 39 -4.88 -0.06 6.65
C CYS B 39 -4.64 0.50 8.04
N PRO B 40 -5.04 -0.30 9.06
CA PRO B 40 -4.87 0.11 10.45
C PRO B 40 -3.40 0.00 10.89
N LYS B 41 -2.57 -0.42 9.94
CA LYS B 41 -1.15 -0.58 10.21
C LYS B 41 -0.37 0.47 9.41
N LYS B 42 -1.11 1.46 8.93
CA LYS B 42 -0.50 2.53 8.15
C LYS B 42 -0.32 3.77 9.05
N PRO B 43 0.96 4.04 9.40
CA PRO B 43 1.27 5.18 10.25
C PRO B 43 1.17 6.50 9.46
N ARG B 44 0.83 7.55 10.18
CA ARG B 44 0.70 8.86 9.57
C ARG B 44 -0.31 8.81 8.43
N GLY B 45 -1.46 9.44 8.67
CA GLY B 45 -2.53 9.47 7.68
C GLY B 45 -3.88 9.76 8.34
N PRO B 46 -4.92 9.82 7.47
CA PRO B 46 -4.73 9.64 6.04
C PRO B 46 -4.09 10.89 5.42
N ARG B 47 -3.04 10.64 4.64
CA ARG B 47 -2.34 11.72 3.98
C ARG B 47 -2.22 12.93 4.90
N GLY B 48 -1.28 12.83 5.82
CA GLY B 48 -1.05 13.92 6.78
C GLY B 48 -1.56 13.53 8.17
N PRO B 49 -2.04 14.55 8.91
CA PRO B 49 -2.56 14.34 10.25
C PRO B 49 -3.93 13.67 10.21
N ARG B 50 -4.36 13.18 11.36
CA ARG B 50 -5.64 12.53 11.47
C ARG B 50 -6.71 13.52 11.93
N PRO B 51 -7.97 13.27 11.46
CA PRO B 51 -9.08 14.15 11.82
C PRO B 51 -9.53 13.89 13.26
N GLN B 52 -10.67 14.48 13.60
CA GLN B 52 -11.22 14.33 14.94
C GLN B 52 -10.10 14.35 15.98
N THR B 53 -9.15 15.26 15.76
CA THR B 53 -8.03 15.39 16.67
C THR B 53 -8.52 15.53 18.11
N SER B 54 -8.12 14.58 18.93
CA SER B 54 -8.51 14.58 20.33
C SER B 54 -10.03 14.66 20.46
N LEU B 55 -10.51 14.51 21.68
CA LEU B 55 -11.93 14.56 21.94
C LEU B 55 -12.60 13.31 21.35
N LEU B 56 -12.56 13.23 20.03
CA LEU B 56 -13.15 12.09 19.33
C LEU B 56 -14.67 12.15 19.48
N ALA B 1 30.37 13.04 7.62
CA ALA B 1 29.78 11.75 7.31
C ALA B 1 30.46 11.17 6.06
N THR B 2 30.76 9.88 6.13
CA THR B 2 31.42 9.20 5.03
C THR B 2 30.50 8.11 4.46
N VAL B 3 30.35 8.13 3.15
CA VAL B 3 29.51 7.15 2.47
C VAL B 3 30.19 6.73 1.17
N VAL B 4 29.86 5.51 0.74
CA VAL B 4 30.42 4.97 -0.49
C VAL B 4 29.40 5.11 -1.61
N SER B 5 29.83 4.74 -2.82
CA SER B 5 28.97 4.81 -3.98
C SER B 5 28.51 3.40 -4.38
N GLY B 6 27.25 3.10 -4.09
CA GLY B 6 26.69 1.82 -4.42
C GLY B 6 25.40 1.56 -3.64
N GLN B 7 24.28 1.74 -4.33
CA GLN B 7 22.98 1.54 -3.72
C GLN B 7 21.87 1.65 -4.76
N LYS B 8 21.20 0.53 -4.98
CA LYS B 8 20.11 0.49 -5.95
C LYS B 8 19.43 -0.88 -5.89
N GLN B 9 18.40 -0.94 -5.05
CA GLN B 9 17.65 -2.18 -4.88
C GLN B 9 16.15 -1.88 -4.75
N ASP B 10 15.35 -2.88 -5.08
CA ASP B 10 13.90 -2.74 -5.00
C ASP B 10 13.24 -4.08 -5.30
N ARG B 11 11.97 -4.17 -4.97
CA ARG B 11 11.21 -5.38 -5.19
C ARG B 11 10.14 -5.16 -6.26
N GLN B 12 9.60 -6.26 -6.75
CA GLN B 12 8.56 -6.19 -7.77
C GLN B 12 7.93 -7.57 -7.98
N GLY B 13 6.71 -7.55 -8.51
CA GLY B 13 5.99 -8.80 -8.77
C GLY B 13 4.51 -8.53 -9.01
N GLY B 14 3.70 -9.53 -8.71
CA GLY B 14 2.26 -9.41 -8.90
C GLY B 14 1.76 -10.44 -9.91
N GLU B 15 1.09 -9.93 -10.94
CA GLU B 15 0.56 -10.79 -11.98
C GLU B 15 -0.59 -11.64 -11.43
N ARG B 16 -1.45 -12.09 -12.34
CA ARG B 16 -2.57 -12.92 -11.95
C ARG B 16 -3.41 -12.21 -10.89
N ARG B 17 -4.28 -11.32 -11.34
CA ARG B 17 -5.13 -10.57 -10.45
C ARG B 17 -4.36 -10.16 -9.19
N ARG B 18 -3.20 -9.56 -9.43
CA ARG B 18 -2.36 -9.10 -8.33
C ARG B 18 -2.22 -10.20 -7.29
N SER B 19 -1.72 -11.35 -7.73
CA SER B 19 -1.54 -12.49 -6.84
C SER B 19 -2.89 -12.98 -6.33
N GLN B 20 -3.45 -12.22 -5.41
CA GLN B 20 -4.74 -12.56 -4.82
C GLN B 20 -5.33 -11.37 -4.07
N LEU B 21 -4.99 -10.18 -4.57
CA LEU B 21 -5.48 -8.95 -3.96
C LEU B 21 -6.92 -8.70 -4.40
N ASP B 22 -7.84 -8.88 -3.46
CA ASP B 22 -9.24 -8.68 -3.73
C ASP B 22 -9.52 -7.18 -3.87
N ARG B 23 -10.60 -6.87 -4.59
CA ARG B 23 -10.98 -5.49 -4.79
C ARG B 23 -11.42 -4.85 -3.48
N ASP B 24 -11.52 -5.69 -2.46
CA ASP B 24 -11.92 -5.22 -1.15
C ASP B 24 -10.92 -5.72 -0.10
N GLN B 25 -9.69 -5.93 -0.56
CA GLN B 25 -8.64 -6.41 0.32
C GLN B 25 -7.63 -5.29 0.59
N CYS B 26 -6.64 -5.60 1.41
CA CYS B 26 -5.61 -4.64 1.75
C CYS B 26 -4.30 -5.09 1.08
N ALA B 27 -3.62 -4.12 0.48
CA ALA B 27 -2.36 -4.39 -0.20
C ALA B 27 -1.21 -3.88 0.66
N TYR B 28 -1.37 -4.05 1.97
CA TYR B 28 -0.35 -3.62 2.91
C TYR B 28 -0.08 -4.69 3.96
N CYS B 29 -1.14 -5.07 4.66
CA CYS B 29 -1.04 -6.09 5.70
C CYS B 29 -1.48 -7.42 5.10
N LYS B 30 -2.34 -7.34 4.10
CA LYS B 30 -2.85 -8.53 3.45
C LYS B 30 -4.17 -8.96 4.12
N GLU B 31 -4.87 -7.98 4.65
CA GLU B 31 -6.13 -8.24 5.33
C GLU B 31 -7.30 -7.80 4.46
N LYS B 32 -8.40 -8.54 4.56
CA LYS B 32 -9.58 -8.22 3.79
C LYS B 32 -10.60 -7.51 4.68
N GLY B 33 -11.23 -6.50 4.10
CA GLY B 33 -12.23 -5.73 4.84
C GLY B 33 -11.91 -4.24 4.78
N HIS B 34 -10.65 -3.95 4.50
CA HIS B 34 -10.20 -2.56 4.41
C HIS B 34 -9.19 -2.42 3.27
N TRP B 35 -8.96 -1.17 2.88
CA TRP B 35 -8.01 -0.89 1.82
C TRP B 35 -6.69 -0.46 2.45
N ALA B 36 -5.64 -0.50 1.64
CA ALA B 36 -4.32 -0.14 2.11
C ALA B 36 -4.35 1.31 2.60
N LYS B 37 -5.12 2.13 1.90
CA LYS B 37 -5.24 3.53 2.26
C LYS B 37 -5.95 3.64 3.61
N ASP B 38 -6.50 2.53 4.05
CA ASP B 38 -7.21 2.49 5.32
C ASP B 38 -6.66 1.35 6.18
N CYS B 39 -5.40 1.01 5.92
CA CYS B 39 -4.75 -0.06 6.65
C CYS B 39 -4.55 0.40 8.10
N PRO B 40 -4.98 -0.47 9.04
CA PRO B 40 -4.86 -0.16 10.46
C PRO B 40 -3.41 -0.32 10.92
N LYS B 41 -2.55 -0.69 9.98
CA LYS B 41 -1.14 -0.88 10.28
C LYS B 41 -0.36 0.36 9.85
N LYS B 42 -0.99 1.14 8.98
CA LYS B 42 -0.36 2.36 8.48
C LYS B 42 0.19 3.16 9.65
N PRO B 43 1.54 3.12 9.79
CA PRO B 43 2.21 3.84 10.87
C PRO B 43 2.24 5.34 10.58
N ARG B 44 2.87 6.07 11.50
CA ARG B 44 2.98 7.51 11.35
C ARG B 44 3.88 7.86 10.17
N GLY B 45 3.25 8.09 9.03
CA GLY B 45 3.97 8.42 7.82
C GLY B 45 3.25 9.51 7.03
N PRO B 46 3.86 9.88 5.87
CA PRO B 46 5.10 9.27 5.45
C PRO B 46 6.28 9.80 6.27
N ARG B 47 6.45 11.10 6.23
CA ARG B 47 7.53 11.74 6.96
C ARG B 47 8.88 11.35 6.35
N GLY B 48 9.88 12.18 6.63
CA GLY B 48 11.22 11.93 6.12
C GLY B 48 11.99 10.99 7.05
N PRO B 49 13.02 10.32 6.46
CA PRO B 49 13.84 9.39 7.22
C PRO B 49 14.80 10.14 8.14
N ARG B 50 14.24 10.68 9.22
CA ARG B 50 15.03 11.42 10.18
C ARG B 50 16.39 10.73 10.39
N PRO B 51 17.42 11.29 9.69
CA PRO B 51 18.76 10.74 9.78
C PRO B 51 19.41 11.13 11.12
N GLN B 52 18.81 10.63 12.20
CA GLN B 52 19.32 10.91 13.53
C GLN B 52 19.23 9.65 14.40
N THR B 53 20.02 9.66 15.47
CA THR B 53 20.04 8.53 16.39
C THR B 53 19.52 8.96 17.76
N SER B 54 18.76 8.06 18.38
CA SER B 54 18.19 8.33 19.68
C SER B 54 17.28 9.56 19.63
N LEU B 55 16.44 9.67 20.64
CA LEU B 55 15.52 10.79 20.71
C LEU B 55 14.70 10.87 19.43
N LEU B 56 13.49 10.35 19.50
CA LEU B 56 12.60 10.34 18.35
C LEU B 56 11.15 10.20 18.83
#